data_8JZ7
#
_entry.id   8JZ7
#
_cell.length_a   1.00
_cell.length_b   1.00
_cell.length_c   1.00
_cell.angle_alpha   90.00
_cell.angle_beta   90.00
_cell.angle_gamma   90.00
#
_symmetry.space_group_name_H-M   'P 1'
#
loop_
_entity.id
_entity.type
_entity.pdbx_description
1 polymer 'Guanine nucleotide-binding protein G(I)/G(S)/G(T) subunit beta-1'
2 polymer 'Guanine nucleotide-binding protein G(I)/G(S)/G(O) subunit gamma-2'
3 polymer 'Guanine nucleotide-binding protein G(i) subunit alpha-1'
4 polymer scFv16
5 polymer 'Hydroxycarboxylic acid receptor 2'
6 non-polymer '2-[[2,2-dimethyl-3-[3-(5-oxidanylpyridin-2-yl)-1,2,4-oxadiazol-5-yl]propanoyl]amino]cyclohexene-1-carboxylic acid'
#
loop_
_entity_poly.entity_id
_entity_poly.type
_entity_poly.pdbx_seq_one_letter_code
_entity_poly.pdbx_strand_id
1 'polypeptide(L)'
;MHHHHLEVLFQGPGSSGSELDQLRQEAEQLKNQIRDARKACADATLSQITNNIDPVGRIQMRTRRTLRGHLAKIYAMHWG
TDSRLLVSASQDGKLIIWDSYTTNKVHAIPLRSSWVMTCAYAPSGNYVACGGLDNICSIYNLKTREGNVRVSRELAGHTG
YLSCCRFLDDNQIVTSSGDTTCALWDIETGQQTTTFTGHTGDVMSLSLAPDTRLFVSGACDASAKLWDVREGMCRQTFTG
HESDINAICFFPNGNAFATGSDDATCRLFDLRADQELMTYSHDNIICGITSVSFSKSGRLLLAGYDDFNCNVWDALKADR
AGVLAGHDNRVSCLGVTDDGMAVATGSWDSFLKIWN
;
B
2 'polypeptide(L)' MASNNTASIAQARKLVEQLKMEANIDRIKVSKAAADLMAYCEAHAKEDPLLTPVPASENPFREKKFFCAIL C
3 'polypeptide(L)'
;MGCTLSAEDKAAVERSKMIDRNLREDGEKAAREVKLLLLGAGESGKNTIVKQMKIIHEAGYSEEECKQYKAVVYSNTIQS
IIAIIRAMGRLKIDFGDSARADDARQLFVLAGAAEEGFMTAELAGVIKRLWKDSGVQACFNRSREYQLNDSAAYYLNDLD
RIAQPNYIPTQQDVLRTRVKTTGIVETHFTFKDLHFKMFDVGAQRSERKKWIHCFEGVTAIIFCVALSDYDLVLAEDEEM
NRMHASMKLFDSICNNKWFTDTSIILFLNKKDLFEEKIKKSPLTICYPEYAGSNTYEEAAAYIQCQFEDLNKRKDTKEIY
THFTCSTDTKNVQFVFDAVTDVIIKNNLKDCGLF
;
D
4 'polypeptide(L)'
;DVQLVESGGGLVQPGGSRKLSCSASGFAFSSFGMHWVRQAPEKGLEWVAYISSGSGTIYYADTVKGRFTISRDDPKNTLF
LQMTSLRSEDTAMYYCVRSIYYYGSSPFDFWGQGTTLTVSSGGGGSGGGGSGGGGSDIVMTQATSSVPVTPGESVSISCR
SSKSLLHSNGNTYLYWFLQRPGQSPQLLIYRMSNLASGVPDRFSGSGSGTAFTLTISRLEAEDVGVYYCMQHLEYPLTFG
AGTKLELKAAAENLYFQGHHHHHHHH
;
S
5 'polypeptide(L)'
;MKTIIALSYIFCLVFADYKDDDDAHHHHHHHHHHMNRHHLQDHFLEIDKKNCCVFRDDFIVKVLPPVLGLEFIFGLLGNG
LALWIFCFHLKSWKSSRIFLFNLAVADFLLIICLPFLMDNYVRRWDWKFGDIPCRLMLFMLAMNRQGSIIFLTVVAVDRY
FRVVHPHHALNKISNRTAAIISCLLWGITIGLTVHLLKKKMPIQNGGANLCSSFSICHTFQWHEAMFLLEFFLPLGIILF
CSARIIWSLRQRQMDRHAKIKRAITFIMVVAIVFVICFLPSVVVRIRIFWLLHTSGTQNCEVYRSVDLAFFITLSFTYMN
SMLDPVVYYFSSPSFPNFFSTLINRCLQRKMTGEPDNNRSTSVELTGDPNKTRGAPEALMANSGEPWSPSYLGPTSP
;
A
#
loop_
_chem_comp.id
_chem_comp.type
_chem_comp.name
_chem_comp.formula
FI7 non-polymer '2-[[2,2-dimethyl-3-[3-(5-oxidanylpyridin-2-yl)-1,2,4-oxadiazol-5-yl]propanoyl]amino]cyclohexene-1-carboxylic acid' 'C19 H22 N4 O5'
#
# COMPACT_ATOMS: atom_id res chain seq x y z
N GLY A 17 -32.35 45.87 16.13
CA GLY A 17 -33.49 46.42 16.83
C GLY A 17 -34.81 45.84 16.36
N SER A 18 -35.81 46.70 16.20
CA SER A 18 -37.11 46.26 15.73
C SER A 18 -37.02 45.69 14.31
N GLU A 19 -36.22 46.33 13.45
CA GLU A 19 -36.05 45.83 12.09
C GLU A 19 -35.36 44.47 12.09
N LEU A 20 -34.29 44.34 12.88
CA LEU A 20 -33.58 43.07 12.97
C LEU A 20 -34.49 41.97 13.50
N ASP A 21 -35.24 42.28 14.56
CA ASP A 21 -36.16 41.29 15.14
C ASP A 21 -37.22 40.87 14.14
N GLN A 22 -37.81 41.84 13.43
CA GLN A 22 -38.88 41.51 12.50
C GLN A 22 -38.35 40.71 11.31
N LEU A 23 -37.14 41.01 10.86
CA LEU A 23 -36.60 40.28 9.70
C LEU A 23 -36.18 38.87 10.09
N ARG A 24 -35.58 38.70 11.27
CA ARG A 24 -35.30 37.35 11.76
C ARG A 24 -36.60 36.57 11.94
N GLN A 25 -37.62 37.21 12.48
CA GLN A 25 -38.92 36.57 12.62
C GLN A 25 -39.45 36.13 11.26
N GLU A 26 -39.40 37.02 10.27
CA GLU A 26 -39.91 36.71 8.94
C GLU A 26 -39.18 35.52 8.34
N ALA A 27 -37.86 35.49 8.47
CA ALA A 27 -37.11 34.30 8.09
C ALA A 27 -37.67 33.06 8.79
N GLU A 28 -38.03 33.20 10.07
CA GLU A 28 -38.51 32.04 10.81
C GLU A 28 -39.84 31.53 10.27
N GLN A 29 -40.82 32.42 10.02
CA GLN A 29 -42.08 31.83 9.53
C GLN A 29 -41.96 31.41 8.08
N LEU A 30 -40.99 31.94 7.33
CA LEU A 30 -40.77 31.38 5.99
C LEU A 30 -40.19 29.97 6.07
N LYS A 31 -39.27 29.73 7.02
CA LYS A 31 -38.81 28.37 7.23
C LYS A 31 -39.96 27.46 7.64
N ASN A 32 -40.84 27.96 8.51
CA ASN A 32 -42.02 27.20 8.90
C ASN A 32 -42.92 26.91 7.71
N GLN A 33 -43.09 27.89 6.82
CA GLN A 33 -43.93 27.70 5.65
C GLN A 33 -43.36 26.64 4.71
N ILE A 34 -42.05 26.67 4.51
CA ILE A 34 -41.43 25.67 3.64
C ILE A 34 -41.54 24.28 4.24
N ARG A 35 -41.37 24.18 5.56
CA ARG A 35 -41.54 22.88 6.22
C ARG A 35 -42.98 22.38 6.08
N ASP A 36 -43.95 23.27 6.27
CA ASP A 36 -45.35 22.88 6.13
C ASP A 36 -45.67 22.44 4.70
N ALA A 37 -45.12 23.15 3.72
CA ALA A 37 -45.34 22.77 2.32
C ALA A 37 -44.72 21.42 2.01
N ARG A 38 -43.58 21.00 2.57
CA ARG A 38 -43.09 19.62 2.21
C ARG A 38 -43.83 18.57 3.05
N LYS A 39 -44.38 19.02 4.18
CA LYS A 39 -45.21 18.02 4.85
C LYS A 39 -46.52 17.79 4.12
N ALA A 40 -47.08 18.84 3.50
CA ALA A 40 -48.42 18.75 2.94
C ALA A 40 -48.50 17.90 1.67
N CYS A 41 -47.38 17.47 1.10
CA CYS A 41 -47.39 16.73 -0.15
C CYS A 41 -47.19 15.23 0.01
N ALA A 42 -47.18 14.72 1.24
CA ALA A 42 -46.94 13.31 1.48
C ALA A 42 -48.25 12.57 1.75
N ASP A 43 -48.42 11.42 1.07
CA ASP A 43 -49.58 10.56 1.30
C ASP A 43 -49.24 9.08 1.39
N ALA A 44 -48.01 8.68 1.16
CA ALA A 44 -47.63 7.27 1.22
C ALA A 44 -46.16 7.17 1.59
N THR A 45 -45.73 5.93 1.85
CA THR A 45 -44.34 5.62 2.19
C THR A 45 -43.78 4.61 1.19
N LEU A 46 -42.46 4.65 1.01
CA LEU A 46 -41.84 3.75 0.04
C LEU A 46 -42.02 2.30 0.44
N SER A 47 -41.82 1.98 1.72
CA SER A 47 -41.84 0.60 2.16
C SER A 47 -43.22 -0.04 1.95
N GLN A 48 -44.28 0.73 2.16
CA GLN A 48 -45.62 0.20 1.97
C GLN A 48 -45.84 -0.21 0.52
N ILE A 49 -45.35 0.58 -0.42
CA ILE A 49 -45.47 0.23 -1.83
C ILE A 49 -44.58 -0.95 -2.18
N THR A 50 -43.38 -1.00 -1.62
CA THR A 50 -42.35 -1.91 -2.12
C THR A 50 -42.28 -3.25 -1.40
N ASN A 51 -42.97 -3.41 -0.27
CA ASN A 51 -42.81 -4.64 0.52
C ASN A 51 -43.28 -5.89 -0.22
N ASN A 52 -44.06 -5.74 -1.29
CA ASN A 52 -44.64 -6.91 -1.94
C ASN A 52 -43.63 -7.68 -2.78
N ILE A 53 -42.73 -6.97 -3.47
CA ILE A 53 -41.90 -7.63 -4.48
C ILE A 53 -40.96 -8.63 -3.81
N ASP A 54 -40.62 -9.68 -4.54
CA ASP A 54 -39.78 -10.73 -4.00
C ASP A 54 -38.36 -10.22 -3.77
N PRO A 55 -37.75 -10.56 -2.63
CA PRO A 55 -36.41 -10.05 -2.33
C PRO A 55 -35.33 -10.82 -3.06
N VAL A 56 -34.27 -10.09 -3.43
CA VAL A 56 -33.10 -10.77 -3.96
C VAL A 56 -32.52 -11.68 -2.88
N GLY A 57 -31.87 -12.76 -3.33
CA GLY A 57 -31.30 -13.72 -2.41
C GLY A 57 -29.94 -13.28 -1.90
N ARG A 58 -29.34 -14.15 -1.11
CA ARG A 58 -28.03 -13.87 -0.55
C ARG A 58 -27.03 -13.57 -1.66
N ILE A 59 -26.42 -12.39 -1.58
CA ILE A 59 -25.52 -11.92 -2.63
C ILE A 59 -24.14 -12.42 -2.26
N GLN A 60 -23.79 -13.60 -2.75
CA GLN A 60 -22.50 -14.22 -2.47
C GLN A 60 -21.51 -13.74 -3.52
N MET A 61 -20.58 -12.89 -3.10
CA MET A 61 -19.60 -12.29 -3.99
C MET A 61 -18.23 -12.58 -3.43
N ARG A 62 -17.33 -13.07 -4.27
CA ARG A 62 -15.99 -13.44 -3.84
C ARG A 62 -14.94 -12.52 -4.46
N THR A 63 -13.83 -12.38 -3.77
CA THR A 63 -12.73 -11.56 -4.24
C THR A 63 -12.12 -12.23 -5.46
N ARG A 64 -12.40 -11.68 -6.63
CA ARG A 64 -11.85 -12.20 -7.87
C ARG A 64 -10.51 -11.59 -8.23
N ARG A 65 -10.18 -10.42 -7.67
CA ARG A 65 -8.89 -9.81 -7.85
C ARG A 65 -8.55 -9.02 -6.59
N THR A 66 -7.26 -8.93 -6.29
CA THR A 66 -6.79 -8.18 -5.14
C THR A 66 -5.62 -7.32 -5.59
N LEU A 67 -5.87 -6.02 -5.73
CA LEU A 67 -4.85 -5.07 -6.13
C LEU A 67 -4.08 -4.63 -4.91
N ARG A 68 -2.78 -4.84 -4.93
CA ARG A 68 -1.91 -4.45 -3.83
C ARG A 68 -0.74 -3.66 -4.38
N GLY A 69 -0.21 -2.77 -3.55
CA GLY A 69 0.86 -1.88 -3.97
C GLY A 69 0.86 -0.52 -3.32
N HIS A 70 -0.25 -0.09 -2.71
CA HIS A 70 -0.20 1.07 -1.83
C HIS A 70 0.38 0.69 -0.48
N LEU A 71 1.04 1.65 0.15
CA LEU A 71 1.76 1.41 1.40
C LEU A 71 1.17 2.20 2.57
N ALA A 72 -0.06 2.69 2.44
CA ALA A 72 -0.65 3.54 3.46
C ALA A 72 -2.16 3.55 3.27
N LYS A 73 -2.84 4.46 3.96
CA LYS A 73 -4.29 4.52 3.91
C LYS A 73 -4.75 5.00 2.54
N ILE A 74 -5.89 4.48 2.09
CA ILE A 74 -6.48 4.83 0.80
C ILE A 74 -7.77 5.60 1.05
N TYR A 75 -7.94 6.73 0.35
CA TYR A 75 -9.16 7.52 0.51
C TYR A 75 -10.07 7.57 -0.71
N ALA A 76 -9.55 7.46 -1.92
CA ALA A 76 -10.37 7.73 -3.09
C ALA A 76 -10.08 6.73 -4.21
N MET A 77 -11.16 6.25 -4.84
CA MET A 77 -11.09 5.50 -6.09
C MET A 77 -12.21 5.93 -7.01
N HIS A 78 -11.99 5.77 -8.32
CA HIS A 78 -12.99 6.08 -9.32
C HIS A 78 -12.85 5.16 -10.53
N TRP A 79 -13.96 4.58 -10.97
CA TRP A 79 -13.98 3.67 -12.10
C TRP A 79 -13.82 4.41 -13.42
N GLY A 80 -13.28 3.70 -14.42
CA GLY A 80 -13.20 4.23 -15.76
C GLY A 80 -14.51 4.10 -16.52
N THR A 81 -14.56 4.73 -17.69
CA THR A 81 -15.79 4.77 -18.46
C THR A 81 -16.08 3.44 -19.15
N ASP A 82 -15.03 2.75 -19.62
CA ASP A 82 -15.19 1.47 -20.28
C ASP A 82 -15.56 0.35 -19.34
N SER A 83 -15.45 0.57 -18.02
CA SER A 83 -15.66 -0.45 -17.00
C SER A 83 -14.54 -1.49 -17.02
N ARG A 84 -13.32 -1.06 -17.31
CA ARG A 84 -12.17 -1.93 -17.19
C ARG A 84 -10.99 -1.28 -16.48
N LEU A 85 -10.87 0.05 -16.46
CA LEU A 85 -9.80 0.74 -15.75
C LEU A 85 -10.35 1.53 -14.57
N LEU A 86 -9.45 1.88 -13.64
CA LEU A 86 -9.82 2.70 -12.49
C LEU A 86 -8.57 3.35 -11.90
N VAL A 87 -8.81 4.33 -11.01
CA VAL A 87 -7.77 5.13 -10.38
C VAL A 87 -7.98 5.14 -8.87
N SER A 88 -6.89 5.32 -8.12
CA SER A 88 -6.94 5.26 -6.66
C SER A 88 -5.90 6.21 -6.06
N ALA A 89 -6.20 6.71 -4.84
CA ALA A 89 -5.38 7.71 -4.15
C ALA A 89 -5.15 7.34 -2.70
N SER A 90 -3.89 7.49 -2.24
CA SER A 90 -3.49 7.15 -0.89
C SER A 90 -2.52 8.19 -0.34
N GLN A 91 -2.31 8.14 0.97
CA GLN A 91 -1.39 9.04 1.67
C GLN A 91 0.07 8.79 1.35
N ASP A 92 0.41 7.69 0.68
CA ASP A 92 1.80 7.44 0.30
C ASP A 92 2.30 8.60 -0.56
N GLY A 93 1.41 9.22 -1.31
CA GLY A 93 1.77 10.31 -2.20
C GLY A 93 1.69 9.87 -3.64
N LYS A 94 0.79 8.94 -3.92
CA LYS A 94 0.69 8.30 -5.22
C LYS A 94 -0.77 8.19 -5.66
N LEU A 95 -1.00 8.44 -6.94
CA LEU A 95 -2.22 8.09 -7.64
C LEU A 95 -1.89 6.90 -8.54
N ILE A 96 -2.80 5.96 -8.67
CA ILE A 96 -2.51 4.74 -9.42
C ILE A 96 -3.66 4.41 -10.35
N ILE A 97 -3.35 4.11 -11.62
CA ILE A 97 -4.31 3.67 -12.62
C ILE A 97 -4.05 2.20 -12.92
N TRP A 98 -5.10 1.40 -12.78
CA TRP A 98 -5.08 -0.05 -12.69
C TRP A 98 -5.70 -0.68 -13.95
N ASP A 99 -5.39 -1.96 -14.16
CA ASP A 99 -6.09 -2.79 -15.13
C ASP A 99 -6.84 -3.86 -14.35
N SER A 100 -8.17 -3.80 -14.37
CA SER A 100 -8.95 -4.68 -13.50
C SER A 100 -8.93 -6.13 -13.97
N TYR A 101 -8.72 -6.37 -15.26
CA TYR A 101 -8.77 -7.73 -15.78
C TYR A 101 -7.50 -8.50 -15.46
N THR A 102 -6.35 -7.97 -15.90
CA THR A 102 -5.08 -8.65 -15.74
C THR A 102 -4.33 -8.23 -14.49
N THR A 103 -4.91 -7.36 -13.67
CA THR A 103 -4.29 -6.89 -12.43
C THR A 103 -2.94 -6.20 -12.72
N ASN A 104 -2.80 -5.63 -13.90
CA ASN A 104 -1.60 -4.89 -14.23
C ASN A 104 -1.64 -3.48 -13.66
N LYS A 105 -0.51 -2.80 -13.71
CA LYS A 105 -0.40 -1.40 -13.30
C LYS A 105 -0.18 -0.55 -14.53
N VAL A 106 -1.21 0.18 -14.94
CA VAL A 106 -1.11 0.97 -16.17
C VAL A 106 -0.33 2.25 -15.92
N HIS A 107 -0.64 2.97 -14.84
CA HIS A 107 -0.01 4.25 -14.58
C HIS A 107 0.21 4.45 -13.09
N ALA A 108 1.29 5.17 -12.74
CA ALA A 108 1.57 5.58 -11.37
C ALA A 108 2.02 7.03 -11.37
N ILE A 109 1.30 7.89 -10.67
CA ILE A 109 1.45 9.34 -10.74
C ILE A 109 1.86 9.88 -9.37
N PRO A 110 2.96 10.62 -9.26
CA PRO A 110 3.29 11.28 -8.00
C PRO A 110 2.40 12.50 -7.77
N LEU A 111 2.49 13.02 -6.55
CA LEU A 111 1.77 14.23 -6.16
C LEU A 111 2.70 15.15 -5.38
N ARG A 112 2.34 16.44 -5.35
CA ARG A 112 3.11 17.42 -4.59
C ARG A 112 2.65 17.54 -3.14
N SER A 113 1.37 17.34 -2.88
CA SER A 113 0.82 17.41 -1.53
C SER A 113 0.35 16.01 -1.13
N SER A 114 1.01 15.44 -0.12
CA SER A 114 0.68 14.09 0.29
C SER A 114 -0.73 13.98 0.86
N TRP A 115 -1.29 15.09 1.33
CA TRP A 115 -2.54 15.07 2.09
C TRP A 115 -3.69 15.23 1.12
N VAL A 116 -4.10 14.13 0.50
CA VAL A 116 -5.11 14.15 -0.54
C VAL A 116 -6.39 13.54 0.02
N MET A 117 -7.52 14.05 -0.45
CA MET A 117 -8.81 13.53 -0.05
C MET A 117 -9.69 13.06 -1.20
N THR A 118 -9.38 13.42 -2.44
CA THR A 118 -10.27 13.01 -3.53
C THR A 118 -9.55 13.01 -4.87
N CYS A 119 -10.05 12.18 -5.77
CA CYS A 119 -9.59 12.07 -7.15
C CYS A 119 -10.76 11.64 -8.03
N ALA A 120 -10.66 11.98 -9.31
CA ALA A 120 -11.73 11.67 -10.26
C ALA A 120 -11.15 11.43 -11.65
N TYR A 121 -11.90 10.66 -12.45
CA TYR A 121 -11.47 10.15 -13.74
C TYR A 121 -12.35 10.76 -14.83
N ALA A 122 -11.72 11.32 -15.86
CA ALA A 122 -12.47 12.05 -16.88
C ALA A 122 -13.41 11.11 -17.64
N PRO A 123 -14.61 11.57 -18.02
CA PRO A 123 -15.55 10.68 -18.72
C PRO A 123 -15.08 10.24 -20.08
N SER A 124 -14.12 10.94 -20.68
CA SER A 124 -13.51 10.50 -21.93
C SER A 124 -12.35 9.55 -21.70
N GLY A 125 -11.44 9.90 -20.82
CA GLY A 125 -10.27 9.10 -20.55
C GLY A 125 -8.95 9.78 -20.79
N ASN A 126 -8.92 11.11 -20.88
CA ASN A 126 -7.71 11.85 -21.19
C ASN A 126 -7.05 12.49 -19.98
N TYR A 127 -7.81 12.72 -18.91
CA TYR A 127 -7.37 13.50 -17.77
C TYR A 127 -7.81 12.85 -16.47
N VAL A 128 -7.10 13.20 -15.39
CA VAL A 128 -7.55 12.91 -14.03
C VAL A 128 -7.37 14.14 -13.16
N ALA A 129 -8.11 14.16 -12.05
CA ALA A 129 -8.10 15.29 -11.12
C ALA A 129 -7.84 14.79 -9.71
N CYS A 130 -6.97 15.49 -8.99
CA CYS A 130 -6.66 15.14 -7.60
C CYS A 130 -6.60 16.37 -6.72
N GLY A 131 -7.03 16.23 -5.47
CA GLY A 131 -6.88 17.33 -4.53
C GLY A 131 -7.34 16.96 -3.13
N GLY A 132 -6.81 17.74 -2.17
CA GLY A 132 -7.24 17.66 -0.79
C GLY A 132 -6.35 18.42 0.17
N LEU A 133 -6.93 18.95 1.25
CA LEU A 133 -6.19 19.54 2.38
C LEU A 133 -5.07 20.46 1.93
N ASP A 134 -5.22 21.08 0.78
CA ASP A 134 -4.27 22.05 0.28
C ASP A 134 -4.93 23.26 -0.33
N ASN A 135 -6.25 23.22 -0.53
CA ASN A 135 -7.02 24.35 -1.12
C ASN A 135 -6.79 24.42 -2.64
N ILE A 136 -6.38 23.31 -3.25
CA ILE A 136 -6.10 23.29 -4.69
C ILE A 136 -6.83 22.11 -5.32
N CYS A 137 -7.00 22.16 -6.64
CA CYS A 137 -7.45 21.02 -7.43
C CYS A 137 -6.58 20.91 -8.67
N SER A 138 -5.87 19.79 -8.83
CA SER A 138 -4.91 19.63 -9.90
C SER A 138 -5.47 18.72 -11.00
N ILE A 139 -5.20 19.09 -12.25
CA ILE A 139 -5.66 18.37 -13.43
C ILE A 139 -4.42 17.88 -14.18
N TYR A 140 -4.34 16.57 -14.41
CA TYR A 140 -3.26 15.90 -15.13
C TYR A 140 -3.77 15.30 -16.43
N ASN A 141 -2.88 15.27 -17.43
CA ASN A 141 -3.18 14.82 -18.79
C ASN A 141 -2.60 13.43 -19.01
N LEU A 142 -3.48 12.43 -19.20
CA LEU A 142 -3.06 11.06 -19.40
C LEU A 142 -2.53 10.81 -20.80
N LYS A 143 -3.39 11.00 -21.81
CA LYS A 143 -3.05 10.70 -23.19
C LYS A 143 -2.29 11.88 -23.78
N THR A 144 -1.01 11.97 -23.43
CA THR A 144 -0.13 12.98 -23.99
C THR A 144 0.69 12.38 -25.12
N ARG A 145 1.35 13.25 -25.87
CA ARG A 145 2.28 12.81 -26.89
C ARG A 145 3.60 12.35 -26.29
N GLU A 146 4.00 12.96 -25.17
CA GLU A 146 5.34 12.76 -24.62
C GLU A 146 5.52 11.41 -23.95
N GLY A 147 4.43 10.73 -23.61
CA GLY A 147 4.48 9.41 -23.03
C GLY A 147 4.29 9.38 -21.53
N ASN A 148 4.40 10.51 -20.85
CA ASN A 148 4.24 10.61 -19.42
C ASN A 148 2.92 11.29 -19.09
N VAL A 149 2.62 11.37 -17.80
CA VAL A 149 1.47 12.10 -17.29
C VAL A 149 1.99 13.35 -16.61
N ARG A 150 1.49 14.51 -17.02
CA ARG A 150 1.98 15.79 -16.53
C ARG A 150 0.81 16.66 -16.09
N VAL A 151 1.12 17.61 -15.21
CA VAL A 151 0.10 18.47 -14.61
C VAL A 151 -0.32 19.53 -15.62
N SER A 152 -1.61 19.62 -15.86
CA SER A 152 -2.13 20.62 -16.78
C SER A 152 -2.66 21.86 -16.08
N ARG A 153 -3.31 21.72 -14.92
CA ARG A 153 -3.96 22.87 -14.32
C ARG A 153 -3.93 22.80 -12.79
N GLU A 154 -3.78 23.97 -12.17
CA GLU A 154 -3.81 24.16 -10.71
C GLU A 154 -4.95 25.12 -10.38
N LEU A 155 -6.16 24.59 -10.19
CA LEU A 155 -7.28 25.44 -9.82
C LEU A 155 -7.16 25.86 -8.37
N ALA A 156 -7.13 27.18 -8.12
CA ALA A 156 -6.95 27.77 -6.81
C ALA A 156 -8.06 28.78 -6.52
N GLY A 157 -8.39 28.93 -5.25
CA GLY A 157 -9.39 29.91 -4.87
C GLY A 157 -10.28 29.57 -3.70
N HIS A 158 -10.26 28.34 -3.21
CA HIS A 158 -10.98 28.05 -1.98
C HIS A 158 -10.15 28.44 -0.77
N THR A 159 -10.83 28.53 0.38
CA THR A 159 -10.19 28.87 1.64
C THR A 159 -10.35 27.77 2.68
N GLY A 160 -10.73 26.56 2.24
CA GLY A 160 -10.79 25.41 3.11
C GLY A 160 -10.15 24.20 2.47
N TYR A 161 -10.33 23.02 3.06
CA TYR A 161 -9.86 21.80 2.43
C TYR A 161 -10.86 21.37 1.36
N LEU A 162 -10.34 20.82 0.27
CA LEU A 162 -11.17 20.38 -0.84
C LEU A 162 -11.60 18.93 -0.60
N SER A 163 -12.91 18.69 -0.66
CA SER A 163 -13.45 17.42 -0.26
C SER A 163 -13.82 16.50 -1.41
N CYS A 164 -14.17 17.04 -2.58
CA CYS A 164 -14.67 16.23 -3.68
C CYS A 164 -14.51 16.99 -4.98
N CYS A 165 -14.45 16.26 -6.09
CA CYS A 165 -14.33 16.84 -7.42
C CYS A 165 -14.89 15.88 -8.46
N ARG A 166 -15.51 16.44 -9.50
CA ARG A 166 -16.11 15.65 -10.57
C ARG A 166 -15.98 16.39 -11.90
N PHE A 167 -15.67 15.65 -12.96
CA PHE A 167 -15.58 16.24 -14.29
C PHE A 167 -16.96 16.37 -14.91
N LEU A 168 -17.25 17.52 -15.50
CA LEU A 168 -18.50 17.70 -16.24
C LEU A 168 -18.33 17.33 -17.71
N ASP A 169 -17.28 17.86 -18.33
CA ASP A 169 -16.82 17.43 -19.64
C ASP A 169 -15.32 17.67 -19.67
N ASP A 170 -14.75 17.74 -20.86
CA ASP A 170 -13.32 17.95 -20.99
C ASP A 170 -12.91 19.38 -20.61
N ASN A 171 -13.84 20.27 -20.29
CA ASN A 171 -13.51 21.66 -19.99
C ASN A 171 -14.12 22.24 -18.73
N GLN A 172 -15.05 21.55 -18.08
CA GLN A 172 -15.73 22.10 -16.91
C GLN A 172 -15.68 21.11 -15.75
N ILE A 173 -15.47 21.63 -14.53
CA ILE A 173 -15.32 20.79 -13.35
C ILE A 173 -15.98 21.47 -12.15
N VAL A 174 -16.54 20.68 -11.24
CA VAL A 174 -17.25 21.20 -10.08
C VAL A 174 -16.59 20.68 -8.80
N THR A 175 -16.29 21.59 -7.87
CA THR A 175 -15.57 21.27 -6.64
C THR A 175 -16.37 21.71 -5.42
N SER A 176 -16.19 20.98 -4.33
CA SER A 176 -16.78 21.33 -3.03
C SER A 176 -15.68 21.35 -1.98
N SER A 177 -15.75 22.30 -1.05
CA SER A 177 -14.65 22.49 -0.12
C SER A 177 -15.16 22.47 1.32
N GLY A 178 -14.20 22.48 2.25
CA GLY A 178 -14.51 22.57 3.66
C GLY A 178 -14.83 23.96 4.15
N ASP A 179 -14.53 24.99 3.37
CA ASP A 179 -14.88 26.36 3.72
C ASP A 179 -16.33 26.69 3.37
N THR A 180 -17.18 25.67 3.22
CA THR A 180 -18.62 25.79 3.08
C THR A 180 -19.06 26.30 1.71
N THR A 181 -18.24 26.10 0.67
CA THR A 181 -18.58 26.58 -0.66
C THR A 181 -18.41 25.49 -1.71
N CYS A 182 -19.25 25.55 -2.74
CA CYS A 182 -19.04 24.81 -3.98
C CYS A 182 -18.72 25.80 -5.10
N ALA A 183 -18.08 25.30 -6.15
CA ALA A 183 -17.66 26.18 -7.23
C ALA A 183 -17.62 25.41 -8.55
N LEU A 184 -17.85 26.14 -9.64
CA LEU A 184 -17.69 25.63 -11.00
C LEU A 184 -16.51 26.31 -11.67
N TRP A 185 -15.69 25.51 -12.33
CA TRP A 185 -14.42 25.97 -12.89
C TRP A 185 -14.33 25.59 -14.35
N ASP A 186 -13.60 26.42 -15.10
CA ASP A 186 -13.31 26.21 -16.50
C ASP A 186 -11.82 25.98 -16.65
N ILE A 187 -11.43 24.73 -16.91
CA ILE A 187 -10.02 24.34 -16.83
C ILE A 187 -9.16 25.19 -17.76
N GLU A 188 -9.64 25.46 -18.97
CA GLU A 188 -8.85 26.31 -19.86
C GLU A 188 -8.79 27.74 -19.36
N THR A 189 -9.86 28.22 -18.73
CA THR A 189 -9.91 29.61 -18.31
C THR A 189 -9.08 29.85 -17.04
N GLY A 190 -9.13 28.91 -16.10
CA GLY A 190 -8.36 29.02 -14.89
C GLY A 190 -9.01 29.83 -13.79
N GLN A 191 -10.33 29.91 -13.77
CA GLN A 191 -11.02 30.80 -12.85
C GLN A 191 -12.46 30.35 -12.67
N GLN A 192 -13.04 30.72 -11.53
CA GLN A 192 -14.38 30.26 -11.19
C GLN A 192 -15.42 31.05 -11.96
N THR A 193 -16.30 30.37 -12.66
CA THR A 193 -17.39 31.03 -13.34
C THR A 193 -18.68 31.02 -12.55
N THR A 194 -18.73 30.30 -11.43
CA THR A 194 -19.91 30.29 -10.59
C THR A 194 -19.53 29.79 -9.20
N THR A 195 -20.04 30.47 -8.18
CA THR A 195 -19.82 30.08 -6.80
C THR A 195 -21.16 29.81 -6.14
N PHE A 196 -21.27 28.67 -5.46
CA PHE A 196 -22.50 28.23 -4.82
C PHE A 196 -22.28 28.29 -3.32
N THR A 197 -22.99 29.22 -2.67
CA THR A 197 -22.80 29.54 -1.26
C THR A 197 -24.12 29.34 -0.52
N GLY A 198 -24.02 28.98 0.75
CA GLY A 198 -25.21 28.81 1.56
C GLY A 198 -25.14 27.72 2.61
N HIS A 199 -24.10 26.89 2.59
CA HIS A 199 -23.90 25.91 3.65
C HIS A 199 -23.26 26.55 4.86
N THR A 200 -23.78 26.21 6.04
CA THR A 200 -23.19 26.68 7.29
C THR A 200 -21.96 25.86 7.65
N GLY A 201 -22.11 24.54 7.71
CA GLY A 201 -20.99 23.67 7.99
C GLY A 201 -20.18 23.31 6.75
N ASP A 202 -19.09 22.59 6.97
CA ASP A 202 -18.19 22.22 5.88
C ASP A 202 -18.89 21.27 4.91
N VAL A 203 -18.72 21.52 3.61
CA VAL A 203 -19.28 20.66 2.58
C VAL A 203 -18.34 19.50 2.33
N MET A 204 -18.88 18.28 2.41
CA MET A 204 -18.04 17.09 2.35
C MET A 204 -18.15 16.31 1.06
N SER A 205 -19.27 16.38 0.33
CA SER A 205 -19.35 15.59 -0.88
C SER A 205 -20.29 16.22 -1.90
N LEU A 206 -20.18 15.77 -3.15
CA LEU A 206 -21.06 16.17 -4.24
C LEU A 206 -21.15 15.08 -5.29
N SER A 207 -22.29 15.03 -5.99
CA SER A 207 -22.46 14.12 -7.11
C SER A 207 -23.19 14.81 -8.26
N LEU A 208 -22.75 14.51 -9.48
CA LEU A 208 -23.29 15.05 -10.73
C LEU A 208 -24.43 14.22 -11.27
N ALA A 209 -25.39 14.88 -11.91
CA ALA A 209 -26.51 14.20 -12.51
C ALA A 209 -26.05 13.41 -13.72
N PRO A 210 -26.86 12.44 -14.18
CA PRO A 210 -26.48 11.70 -15.39
C PRO A 210 -26.27 12.59 -16.61
N ASP A 211 -27.05 13.66 -16.76
CA ASP A 211 -26.97 14.52 -17.93
C ASP A 211 -26.21 15.83 -17.68
N THR A 212 -25.58 15.98 -16.51
CA THR A 212 -24.74 17.15 -16.18
C THR A 212 -25.53 18.45 -16.26
N ARG A 213 -26.65 18.49 -15.53
CA ARG A 213 -27.48 19.68 -15.43
C ARG A 213 -27.68 20.16 -13.99
N LEU A 214 -27.66 19.26 -13.01
CA LEU A 214 -27.82 19.58 -11.60
C LEU A 214 -26.86 18.72 -10.80
N PHE A 215 -26.48 19.20 -9.62
CA PHE A 215 -25.61 18.40 -8.76
C PHE A 215 -25.99 18.59 -7.30
N VAL A 216 -25.83 17.54 -6.51
CA VAL A 216 -26.15 17.60 -5.09
C VAL A 216 -24.85 17.68 -4.31
N SER A 217 -24.92 18.32 -3.14
CA SER A 217 -23.78 18.43 -2.24
C SER A 217 -24.25 18.23 -0.80
N GLY A 218 -23.44 17.58 0.00
CA GLY A 218 -23.77 17.33 1.40
C GLY A 218 -22.68 17.81 2.32
N ALA A 219 -23.09 18.38 3.45
CA ALA A 219 -22.20 19.16 4.31
C ALA A 219 -22.32 18.76 5.77
N CYS A 220 -21.40 19.31 6.58
CA CYS A 220 -21.30 19.02 8.00
C CYS A 220 -22.46 19.57 8.83
N ASP A 221 -23.30 20.44 8.28
CA ASP A 221 -24.45 20.93 9.01
C ASP A 221 -25.66 20.01 8.88
N ALA A 222 -25.42 18.73 8.58
CA ALA A 222 -26.48 17.72 8.51
C ALA A 222 -27.52 18.05 7.44
N SER A 223 -27.07 18.66 6.35
CA SER A 223 -27.97 19.00 5.26
C SER A 223 -27.26 18.91 3.92
N ALA A 224 -28.07 18.81 2.87
CA ALA A 224 -27.62 18.73 1.49
C ALA A 224 -28.38 19.74 0.66
N LYS A 225 -27.78 20.16 -0.44
CA LYS A 225 -28.39 21.15 -1.32
C LYS A 225 -28.27 20.73 -2.77
N LEU A 226 -29.30 21.05 -3.55
CA LEU A 226 -29.35 20.80 -4.99
C LEU A 226 -29.05 22.08 -5.74
N TRP A 227 -28.20 22.00 -6.76
CA TRP A 227 -27.70 23.20 -7.40
C TRP A 227 -27.95 23.18 -8.91
N ASP A 228 -28.01 24.38 -9.49
CA ASP A 228 -28.28 24.59 -10.90
C ASP A 228 -27.02 25.14 -11.54
N VAL A 229 -26.34 24.32 -12.33
CA VAL A 229 -25.08 24.74 -12.92
C VAL A 229 -25.25 26.06 -13.64
N ARG A 230 -26.27 26.16 -14.46
CA ARG A 230 -26.49 27.38 -15.23
C ARG A 230 -26.93 28.56 -14.35
N GLU A 231 -27.78 28.29 -13.35
CA GLU A 231 -28.30 29.37 -12.51
C GLU A 231 -27.49 29.59 -11.24
N GLY A 232 -26.58 28.68 -10.93
CA GLY A 232 -25.81 28.80 -9.71
C GLY A 232 -26.71 29.11 -8.53
N MET A 233 -27.71 28.26 -8.30
CA MET A 233 -28.68 28.54 -7.25
C MET A 233 -29.11 27.31 -6.46
N CYS A 234 -29.41 27.50 -5.16
CA CYS A 234 -29.85 26.40 -4.33
C CYS A 234 -31.35 26.16 -4.48
N ARG A 235 -31.72 25.24 -5.37
CA ARG A 235 -33.12 24.95 -5.62
C ARG A 235 -33.80 24.21 -4.48
N GLN A 236 -33.12 23.24 -3.86
CA GLN A 236 -33.68 22.47 -2.77
C GLN A 236 -32.66 22.32 -1.66
N THR A 237 -33.16 22.24 -0.43
CA THR A 237 -32.37 21.92 0.74
C THR A 237 -33.00 20.75 1.47
N PHE A 238 -32.18 19.76 1.83
CA PHE A 238 -32.63 18.50 2.40
C PHE A 238 -32.00 18.32 3.77
N THR A 239 -32.81 17.94 4.75
CA THR A 239 -32.40 17.77 6.13
C THR A 239 -32.96 16.45 6.66
N GLY A 240 -32.46 16.04 7.83
CA GLY A 240 -32.96 14.85 8.48
C GLY A 240 -31.93 14.02 9.20
N HIS A 241 -30.66 14.19 8.84
CA HIS A 241 -29.60 13.46 9.52
C HIS A 241 -29.25 14.13 10.83
N GLU A 242 -28.85 13.33 11.81
CA GLU A 242 -28.48 13.83 13.13
C GLU A 242 -27.07 14.35 13.20
N SER A 243 -26.23 14.05 12.22
CA SER A 243 -24.82 14.43 12.27
C SER A 243 -24.32 14.66 10.85
N ASP A 244 -23.00 14.67 10.71
CA ASP A 244 -22.35 15.03 9.47
C ASP A 244 -22.80 14.15 8.31
N ILE A 245 -22.55 14.63 7.10
CA ILE A 245 -22.75 13.87 5.86
C ILE A 245 -21.39 13.60 5.26
N ASN A 246 -21.08 12.33 5.03
CA ASN A 246 -19.77 11.90 4.56
C ASN A 246 -19.71 11.61 3.07
N ALA A 247 -20.80 11.15 2.46
CA ALA A 247 -20.77 10.76 1.05
C ALA A 247 -22.18 10.80 0.46
N ILE A 248 -22.23 11.07 -0.85
CA ILE A 248 -23.50 11.26 -1.57
C ILE A 248 -23.33 10.76 -3.01
N CYS A 249 -24.45 10.38 -3.64
CA CYS A 249 -24.47 9.99 -5.06
C CYS A 249 -25.90 9.89 -5.56
N PHE A 250 -26.09 10.17 -6.86
CA PHE A 250 -27.38 9.93 -7.52
C PHE A 250 -27.69 8.46 -7.79
N PHE A 251 -28.99 8.19 -7.84
CA PHE A 251 -29.57 7.06 -8.52
C PHE A 251 -29.25 7.17 -10.02
N PRO A 252 -29.10 6.05 -10.73
CA PRO A 252 -28.83 6.14 -12.18
C PRO A 252 -29.94 6.79 -12.98
N ASN A 253 -31.18 6.76 -12.48
CA ASN A 253 -32.29 7.36 -13.22
C ASN A 253 -32.25 8.87 -13.18
N GLY A 254 -31.56 9.46 -12.19
CA GLY A 254 -31.39 10.89 -12.12
C GLY A 254 -32.46 11.65 -11.36
N ASN A 255 -33.31 10.97 -10.60
CA ASN A 255 -34.40 11.62 -9.87
C ASN A 255 -34.44 11.15 -8.42
N ALA A 256 -33.28 10.82 -7.87
CA ALA A 256 -33.14 10.45 -6.46
C ALA A 256 -31.66 10.45 -6.13
N PHE A 257 -31.35 10.45 -4.84
CA PHE A 257 -29.95 10.34 -4.43
C PHE A 257 -29.85 9.76 -3.04
N ALA A 258 -28.67 9.22 -2.73
CA ALA A 258 -28.44 8.49 -1.50
C ALA A 258 -27.35 9.17 -0.69
N THR A 259 -27.61 9.32 0.60
CA THR A 259 -26.78 10.05 1.54
C THR A 259 -26.22 9.09 2.59
N GLY A 260 -24.93 9.22 2.86
CA GLY A 260 -24.28 8.46 3.91
C GLY A 260 -23.77 9.41 4.99
N SER A 261 -23.96 9.03 6.24
CA SER A 261 -23.79 9.96 7.34
C SER A 261 -22.86 9.39 8.40
N ASP A 262 -22.69 10.15 9.46
CA ASP A 262 -21.77 9.81 10.55
C ASP A 262 -22.49 9.33 11.79
N ASP A 263 -23.80 9.13 11.73
CA ASP A 263 -24.58 8.60 12.84
C ASP A 263 -25.09 7.20 12.55
N ALA A 264 -24.30 6.40 11.83
CA ALA A 264 -24.65 5.03 11.49
C ALA A 264 -26.00 4.93 10.78
N THR A 265 -26.17 5.75 9.75
CA THR A 265 -27.42 5.73 9.00
C THR A 265 -27.13 6.12 7.55
N CYS A 266 -27.90 5.51 6.64
CA CYS A 266 -27.95 5.91 5.23
C CYS A 266 -29.37 6.31 4.90
N ARG A 267 -29.53 7.19 3.92
CA ARG A 267 -30.85 7.72 3.61
C ARG A 267 -31.02 7.93 2.11
N LEU A 268 -32.27 7.94 1.66
CA LEU A 268 -32.62 8.20 0.28
C LEU A 268 -33.50 9.44 0.20
N PHE A 269 -33.17 10.36 -0.70
CA PHE A 269 -33.95 11.57 -0.92
C PHE A 269 -34.43 11.65 -2.36
N ASP A 270 -35.69 12.04 -2.51
CA ASP A 270 -36.31 12.34 -3.80
C ASP A 270 -36.10 13.81 -4.13
N LEU A 271 -36.19 14.13 -5.43
CA LEU A 271 -36.09 15.50 -5.90
C LEU A 271 -37.43 16.14 -6.18
N ARG A 272 -38.35 15.40 -6.81
CA ARG A 272 -39.63 15.98 -7.21
C ARG A 272 -40.51 16.27 -6.01
N ALA A 273 -40.59 15.34 -5.07
CA ALA A 273 -41.27 15.54 -3.80
C ALA A 273 -40.19 15.45 -2.73
N ASP A 274 -39.60 16.59 -2.38
CA ASP A 274 -38.35 16.64 -1.63
C ASP A 274 -38.61 16.21 -0.18
N GLN A 275 -38.57 14.90 0.04
CA GLN A 275 -38.84 14.31 1.34
C GLN A 275 -37.79 13.26 1.70
N GLU A 276 -38.04 12.53 2.79
CA GLU A 276 -37.25 11.36 3.15
C GLU A 276 -37.87 10.13 2.49
N LEU A 277 -37.05 9.38 1.76
CA LEU A 277 -37.57 8.18 1.10
C LEU A 277 -37.43 6.95 1.99
N MET A 278 -36.21 6.56 2.32
CA MET A 278 -35.96 5.41 3.18
C MET A 278 -34.69 5.61 3.98
N THR A 279 -34.63 4.92 5.12
CA THR A 279 -33.50 4.93 6.03
C THR A 279 -32.97 3.52 6.22
N TYR A 280 -31.66 3.38 6.15
CA TYR A 280 -30.97 2.10 6.26
C TYR A 280 -30.05 2.16 7.47
N SER A 281 -30.41 1.40 8.52
CA SER A 281 -29.67 1.44 9.77
C SER A 281 -29.98 0.17 10.56
N HIS A 282 -28.96 -0.33 11.27
CA HIS A 282 -29.09 -1.53 12.11
C HIS A 282 -28.44 -1.28 13.45
N ASP A 283 -29.10 -1.75 14.51
CA ASP A 283 -28.65 -1.46 15.87
C ASP A 283 -27.25 -2.00 16.15
N ASN A 284 -26.86 -3.09 15.49
CA ASN A 284 -25.51 -3.62 15.67
C ASN A 284 -24.45 -2.74 15.05
N ILE A 285 -24.83 -1.72 14.28
CA ILE A 285 -23.89 -0.78 13.70
C ILE A 285 -24.00 0.52 14.48
N ILE A 286 -22.87 1.00 14.99
CA ILE A 286 -22.83 2.25 15.75
C ILE A 286 -21.69 3.12 15.26
N CYS A 287 -21.15 2.81 14.09
CA CYS A 287 -19.99 3.51 13.55
C CYS A 287 -20.41 4.33 12.32
N GLY A 288 -19.42 4.94 11.67
CA GLY A 288 -19.72 5.86 10.60
C GLY A 288 -19.60 5.25 9.22
N ILE A 289 -20.39 5.80 8.30
CA ILE A 289 -20.35 5.44 6.89
C ILE A 289 -19.31 6.30 6.22
N THR A 290 -18.58 5.74 5.26
CA THR A 290 -17.59 6.50 4.54
C THR A 290 -17.91 6.68 3.07
N SER A 291 -18.69 5.78 2.47
CA SER A 291 -19.00 5.86 1.06
C SER A 291 -20.31 5.13 0.78
N VAL A 292 -20.98 5.53 -0.31
CA VAL A 292 -22.13 4.81 -0.83
C VAL A 292 -21.98 4.74 -2.35
N SER A 293 -22.67 3.78 -2.94
CA SER A 293 -22.74 3.66 -4.40
C SER A 293 -23.93 2.80 -4.77
N PHE A 294 -24.29 2.86 -6.05
CA PHE A 294 -25.51 2.24 -6.54
C PHE A 294 -25.19 1.15 -7.55
N SER A 295 -26.21 0.35 -7.86
CA SER A 295 -26.11 -0.75 -8.80
C SER A 295 -26.42 -0.27 -10.21
N LYS A 296 -26.23 -1.16 -11.19
CA LYS A 296 -26.52 -0.81 -12.58
C LYS A 296 -28.01 -0.56 -12.79
N SER A 297 -28.86 -1.37 -12.17
CA SER A 297 -30.29 -1.13 -12.19
C SER A 297 -30.78 -0.36 -10.98
N GLY A 298 -29.87 0.00 -10.07
CA GLY A 298 -30.28 0.63 -8.83
C GLY A 298 -31.12 -0.25 -7.95
N ARG A 299 -30.77 -1.54 -7.87
CA ARG A 299 -31.45 -2.47 -6.98
C ARG A 299 -30.67 -2.78 -5.73
N LEU A 300 -29.37 -2.53 -5.74
CA LEU A 300 -28.51 -2.76 -4.59
C LEU A 300 -27.77 -1.49 -4.24
N LEU A 301 -27.64 -1.22 -2.94
CA LEU A 301 -26.88 -0.08 -2.45
C LEU A 301 -25.72 -0.60 -1.63
N LEU A 302 -24.52 -0.15 -1.96
CA LEU A 302 -23.32 -0.57 -1.25
C LEU A 302 -22.90 0.54 -0.30
N ALA A 303 -22.69 0.19 0.97
CA ALA A 303 -22.26 1.14 1.97
C ALA A 303 -20.99 0.65 2.65
N GLY A 304 -19.98 1.50 2.70
CA GLY A 304 -18.75 1.14 3.37
C GLY A 304 -18.62 1.70 4.78
N TYR A 305 -18.88 0.86 5.78
CA TYR A 305 -18.77 1.28 7.17
C TYR A 305 -17.33 1.19 7.64
N ASP A 306 -17.06 1.72 8.83
CA ASP A 306 -15.74 1.59 9.43
C ASP A 306 -15.73 0.61 10.60
N ASP A 307 -16.66 -0.34 10.60
CA ASP A 307 -16.56 -1.54 11.41
C ASP A 307 -15.81 -2.60 10.62
N PHE A 308 -14.95 -2.12 9.72
CA PHE A 308 -13.96 -2.81 8.90
C PHE A 308 -14.54 -3.47 7.65
N ASN A 309 -15.85 -3.51 7.46
CA ASN A 309 -16.41 -4.31 6.38
C ASN A 309 -17.52 -3.56 5.66
N CYS A 310 -17.81 -4.00 4.43
CA CYS A 310 -18.81 -3.35 3.61
C CYS A 310 -20.15 -4.09 3.68
N ASN A 311 -21.23 -3.35 3.49
CA ASN A 311 -22.57 -3.92 3.53
C ASN A 311 -23.25 -3.71 2.19
N VAL A 312 -24.05 -4.69 1.80
CA VAL A 312 -24.81 -4.65 0.56
C VAL A 312 -26.28 -4.76 0.92
N TRP A 313 -27.00 -3.66 0.81
CA TRP A 313 -28.41 -3.65 1.19
C TRP A 313 -29.30 -3.61 -0.02
N ASP A 314 -30.58 -3.89 0.18
CA ASP A 314 -31.52 -3.78 -0.92
C ASP A 314 -31.91 -2.31 -1.02
N ALA A 315 -31.52 -1.66 -2.10
CA ALA A 315 -31.80 -0.24 -2.27
C ALA A 315 -33.28 0.00 -2.47
N LEU A 316 -34.08 -1.06 -2.38
CA LEU A 316 -35.51 -0.94 -2.63
C LEU A 316 -36.35 -1.41 -1.45
N LYS A 317 -35.79 -2.25 -0.58
CA LYS A 317 -36.57 -2.81 0.51
C LYS A 317 -36.00 -2.51 1.90
N ALA A 318 -34.86 -1.83 1.98
CA ALA A 318 -34.24 -1.48 3.26
C ALA A 318 -33.94 -2.72 4.09
N ASP A 319 -33.53 -3.78 3.42
CA ASP A 319 -33.06 -5.00 4.08
C ASP A 319 -31.55 -5.09 3.90
N ARG A 320 -30.98 -6.16 4.45
CA ARG A 320 -29.58 -6.48 4.26
C ARG A 320 -29.49 -7.78 3.47
N ALA A 321 -28.74 -7.75 2.37
CA ALA A 321 -28.65 -8.89 1.50
C ALA A 321 -27.26 -9.50 1.43
N GLY A 322 -26.21 -8.77 1.79
CA GLY A 322 -24.90 -9.38 1.77
C GLY A 322 -23.88 -8.53 2.49
N VAL A 323 -22.72 -9.14 2.72
CA VAL A 323 -21.61 -8.49 3.38
C VAL A 323 -20.35 -8.75 2.55
N LEU A 324 -19.49 -7.75 2.47
CA LEU A 324 -18.17 -7.88 1.86
C LEU A 324 -17.19 -7.70 3.00
N ALA A 325 -16.79 -8.81 3.60
CA ALA A 325 -15.94 -8.84 4.79
C ALA A 325 -14.61 -9.45 4.38
N GLY A 326 -13.70 -8.61 3.92
CA GLY A 326 -12.38 -9.07 3.52
C GLY A 326 -11.32 -8.07 3.86
N HIS A 327 -11.68 -7.05 4.63
CA HIS A 327 -10.76 -5.97 4.95
C HIS A 327 -10.46 -5.96 6.45
N ASP A 328 -9.27 -5.50 6.79
CA ASP A 328 -8.78 -5.52 8.17
C ASP A 328 -8.64 -4.12 8.76
N ASN A 329 -9.36 -3.14 8.23
CA ASN A 329 -9.30 -1.77 8.73
C ASN A 329 -10.48 -1.00 8.15
N ARG A 330 -10.45 0.31 8.33
CA ARG A 330 -11.54 1.19 7.90
C ARG A 330 -11.74 1.15 6.40
N VAL A 331 -13.00 1.02 5.97
CA VAL A 331 -13.37 1.04 4.55
C VAL A 331 -13.64 2.48 4.14
N SER A 332 -12.79 3.02 3.27
CA SER A 332 -12.92 4.42 2.88
C SER A 332 -13.70 4.63 1.58
N CYS A 333 -13.25 4.05 0.47
CA CYS A 333 -13.81 4.30 -0.84
C CYS A 333 -14.51 3.06 -1.40
N LEU A 334 -15.24 3.25 -2.50
CA LEU A 334 -16.11 2.20 -3.04
C LEU A 334 -16.62 2.65 -4.41
N GLY A 335 -16.76 1.69 -5.34
CA GLY A 335 -17.22 2.01 -6.69
C GLY A 335 -17.81 0.84 -7.45
N VAL A 336 -18.58 1.17 -8.49
CA VAL A 336 -19.30 0.21 -9.32
C VAL A 336 -19.13 0.60 -10.79
N THR A 337 -18.97 -0.40 -11.67
CA THR A 337 -18.68 -0.15 -13.08
C THR A 337 -19.91 0.34 -13.85
N ASP A 338 -19.65 0.81 -15.07
CA ASP A 338 -20.68 1.41 -15.90
C ASP A 338 -21.62 0.37 -16.49
N ASP A 339 -21.22 -0.90 -16.51
CA ASP A 339 -22.05 -1.98 -17.02
C ASP A 339 -22.55 -2.90 -15.92
N GLY A 340 -21.97 -2.85 -14.73
CA GLY A 340 -22.35 -3.74 -13.66
C GLY A 340 -21.44 -4.94 -13.50
N MET A 341 -20.24 -4.91 -14.07
CA MET A 341 -19.45 -6.13 -14.13
C MET A 341 -18.80 -6.45 -12.79
N ALA A 342 -18.41 -5.43 -12.04
CA ALA A 342 -17.70 -5.67 -10.79
C ALA A 342 -18.05 -4.57 -9.79
N VAL A 343 -17.59 -4.75 -8.55
CA VAL A 343 -17.50 -3.64 -7.60
C VAL A 343 -16.10 -3.63 -7.05
N ALA A 344 -15.65 -2.47 -6.60
CA ALA A 344 -14.31 -2.32 -6.07
C ALA A 344 -14.37 -1.59 -4.74
N THR A 345 -13.62 -2.11 -3.76
CA THR A 345 -13.52 -1.48 -2.45
C THR A 345 -12.07 -1.25 -2.09
N GLY A 346 -11.78 -0.06 -1.56
CA GLY A 346 -10.50 0.26 -0.96
C GLY A 346 -10.68 0.47 0.53
N SER A 347 -9.56 0.55 1.24
CA SER A 347 -9.63 0.61 2.69
C SER A 347 -8.32 1.15 3.25
N TRP A 348 -8.29 1.31 4.57
CA TRP A 348 -7.15 1.87 5.27
C TRP A 348 -6.05 0.85 5.51
N ASP A 349 -6.27 -0.41 5.16
CA ASP A 349 -5.25 -1.44 5.18
C ASP A 349 -4.41 -1.46 3.90
N SER A 350 -4.71 -0.57 2.94
CA SER A 350 -3.94 -0.35 1.71
C SER A 350 -4.16 -1.41 0.63
N PHE A 351 -5.30 -2.07 0.63
CA PHE A 351 -5.60 -3.13 -0.34
C PHE A 351 -6.90 -2.81 -1.06
N LEU A 352 -6.87 -2.90 -2.38
CA LEU A 352 -8.07 -2.78 -3.19
C LEU A 352 -8.56 -4.17 -3.58
N LYS A 353 -9.87 -4.34 -3.66
CA LYS A 353 -10.41 -5.66 -3.96
C LYS A 353 -11.60 -5.56 -4.88
N ILE A 354 -11.69 -6.51 -5.82
CA ILE A 354 -12.74 -6.55 -6.84
C ILE A 354 -13.66 -7.73 -6.54
N TRP A 355 -14.95 -7.47 -6.52
CA TRP A 355 -15.99 -8.44 -6.20
C TRP A 355 -16.87 -8.64 -7.43
N ASN A 356 -17.25 -9.89 -7.69
CA ASN A 356 -18.13 -10.21 -8.81
C ASN A 356 -19.27 -11.14 -8.41
N THR B 6 -27.45 48.20 9.52
CA THR B 6 -28.38 47.70 8.51
C THR B 6 -27.81 46.48 7.79
N ALA B 7 -26.54 46.18 8.07
CA ALA B 7 -25.92 45.01 7.48
C ALA B 7 -26.58 43.72 7.96
N SER B 8 -26.91 43.65 9.25
CA SER B 8 -27.58 42.47 9.79
C SER B 8 -28.96 42.30 9.16
N ILE B 9 -29.73 43.38 9.06
CA ILE B 9 -31.04 43.27 8.44
C ILE B 9 -30.92 43.02 6.95
N ALA B 10 -29.82 43.47 6.33
CA ALA B 10 -29.59 43.13 4.92
C ALA B 10 -29.31 41.64 4.75
N GLN B 11 -28.54 41.05 5.66
CA GLN B 11 -28.31 39.60 5.61
C GLN B 11 -29.62 38.84 5.83
N ALA B 12 -30.44 39.31 6.77
CA ALA B 12 -31.76 38.71 6.95
C ALA B 12 -32.60 38.87 5.69
N ARG B 13 -32.46 40.01 5.01
CA ARG B 13 -33.16 40.22 3.75
C ARG B 13 -32.74 39.20 2.69
N LYS B 14 -31.44 38.95 2.58
CA LYS B 14 -30.96 37.96 1.62
C LYS B 14 -31.47 36.57 1.98
N LEU B 15 -31.45 36.24 3.27
CA LEU B 15 -31.95 34.93 3.70
C LEU B 15 -33.44 34.78 3.40
N VAL B 16 -34.23 35.82 3.66
CA VAL B 16 -35.66 35.72 3.40
C VAL B 16 -35.94 35.73 1.90
N GLU B 17 -35.06 36.36 1.11
CA GLU B 17 -35.17 36.22 -0.34
C GLU B 17 -34.98 34.77 -0.78
N GLN B 18 -33.95 34.12 -0.24
CA GLN B 18 -33.75 32.71 -0.56
C GLN B 18 -34.94 31.87 -0.11
N LEU B 19 -35.52 32.22 1.04
CA LEU B 19 -36.72 31.54 1.52
C LEU B 19 -37.90 31.75 0.56
N LYS B 20 -38.08 32.98 0.08
CA LYS B 20 -39.07 33.24 -0.97
C LYS B 20 -38.87 32.28 -2.13
N MET B 21 -37.63 32.17 -2.61
CA MET B 21 -37.39 31.51 -3.89
C MET B 21 -37.07 30.02 -3.76
N GLU B 22 -37.18 29.44 -2.56
CA GLU B 22 -37.32 28.00 -2.40
C GLU B 22 -38.74 27.58 -2.04
N ALA B 23 -39.68 28.51 -2.01
CA ALA B 23 -41.08 28.19 -1.81
C ALA B 23 -41.91 28.39 -3.07
N ASN B 24 -41.26 28.34 -4.24
CA ASN B 24 -41.90 28.58 -5.53
C ASN B 24 -41.65 27.40 -6.46
N ILE B 25 -41.87 26.19 -5.93
CA ILE B 25 -41.62 24.96 -6.67
C ILE B 25 -42.86 24.08 -6.61
N ASP B 26 -42.96 23.18 -7.60
CA ASP B 26 -44.07 22.25 -7.67
C ASP B 26 -43.75 20.96 -6.92
N ARG B 27 -44.79 20.32 -6.41
CA ARG B 27 -44.67 19.12 -5.59
C ARG B 27 -45.48 17.99 -6.20
N ILE B 28 -44.94 16.78 -6.14
CA ILE B 28 -45.65 15.59 -6.57
C ILE B 28 -45.90 14.72 -5.33
N LYS B 29 -46.60 13.61 -5.51
CA LYS B 29 -46.85 12.73 -4.38
C LYS B 29 -45.67 11.79 -4.16
N VAL B 30 -45.70 11.12 -3.00
CA VAL B 30 -44.64 10.17 -2.68
C VAL B 30 -44.90 8.82 -3.35
N SER B 31 -46.18 8.44 -3.45
CA SER B 31 -46.53 7.17 -4.06
C SER B 31 -46.11 7.13 -5.53
N LYS B 32 -46.28 8.25 -6.24
CA LYS B 32 -45.88 8.31 -7.64
C LYS B 32 -44.38 8.13 -7.79
N ALA B 33 -43.59 8.79 -6.94
CA ALA B 33 -42.13 8.64 -7.03
C ALA B 33 -41.71 7.22 -6.70
N ALA B 34 -42.34 6.61 -5.68
CA ALA B 34 -42.01 5.24 -5.35
C ALA B 34 -42.33 4.30 -6.51
N ALA B 35 -43.48 4.51 -7.15
CA ALA B 35 -43.84 3.67 -8.29
C ALA B 35 -42.86 3.84 -9.43
N ASP B 36 -42.43 5.07 -9.71
CA ASP B 36 -41.46 5.30 -10.78
C ASP B 36 -40.15 4.59 -10.49
N LEU B 37 -39.66 4.69 -9.25
CA LEU B 37 -38.42 4.02 -8.88
C LEU B 37 -38.55 2.51 -9.04
N MET B 38 -39.67 1.95 -8.56
CA MET B 38 -39.87 0.51 -8.65
C MET B 38 -39.94 0.05 -10.10
N ALA B 39 -40.66 0.80 -10.95
CA ALA B 39 -40.79 0.42 -12.35
C ALA B 39 -39.45 0.46 -13.08
N TYR B 40 -38.66 1.51 -12.84
CA TYR B 40 -37.33 1.56 -13.45
C TYR B 40 -36.48 0.39 -12.98
N CYS B 41 -36.61 0.01 -11.70
CA CYS B 41 -35.84 -1.13 -11.20
C CYS B 41 -36.26 -2.42 -11.90
N GLU B 42 -37.56 -2.63 -12.07
CA GLU B 42 -38.04 -3.85 -12.72
C GLU B 42 -37.58 -3.92 -14.16
N ALA B 43 -37.72 -2.82 -14.91
CA ALA B 43 -37.49 -2.86 -16.35
C ALA B 43 -36.03 -3.11 -16.72
N HIS B 44 -35.10 -3.00 -15.78
CA HIS B 44 -33.68 -3.18 -16.06
C HIS B 44 -33.07 -4.35 -15.30
N ALA B 45 -33.89 -5.36 -14.98
CA ALA B 45 -33.47 -6.46 -14.12
C ALA B 45 -32.77 -7.57 -14.88
N LYS B 46 -32.17 -7.26 -16.03
CA LYS B 46 -31.50 -8.26 -16.84
C LYS B 46 -30.11 -7.86 -17.31
N GLU B 47 -29.79 -6.58 -17.35
CA GLU B 47 -28.51 -6.11 -17.89
C GLU B 47 -27.46 -5.91 -16.80
N ASP B 48 -27.75 -6.30 -15.57
CA ASP B 48 -26.86 -6.07 -14.44
C ASP B 48 -26.31 -7.40 -13.94
N PRO B 49 -25.02 -7.65 -14.11
CA PRO B 49 -24.44 -8.94 -13.70
C PRO B 49 -24.60 -9.26 -12.22
N LEU B 50 -24.51 -8.26 -11.35
CA LEU B 50 -24.42 -8.54 -9.93
C LEU B 50 -25.75 -8.98 -9.34
N LEU B 51 -26.86 -8.53 -9.90
CA LEU B 51 -28.16 -8.93 -9.36
C LEU B 51 -28.52 -10.32 -9.84
N THR B 52 -28.65 -10.51 -11.16
CA THR B 52 -28.88 -11.82 -11.73
C THR B 52 -27.52 -12.43 -12.05
N PRO B 53 -27.07 -13.45 -11.32
CA PRO B 53 -25.71 -13.95 -11.50
C PRO B 53 -25.43 -14.41 -12.92
N VAL B 54 -24.53 -13.69 -13.58
CA VAL B 54 -24.17 -14.02 -14.96
C VAL B 54 -23.46 -15.37 -14.99
N PRO B 55 -23.83 -16.28 -15.88
CA PRO B 55 -23.16 -17.58 -15.94
C PRO B 55 -21.68 -17.42 -16.21
N ALA B 56 -20.88 -18.28 -15.57
CA ALA B 56 -19.43 -18.12 -15.50
C ALA B 56 -18.74 -18.22 -16.85
N SER B 57 -19.53 -18.47 -17.90
CA SER B 57 -18.96 -18.63 -19.27
C SER B 57 -18.78 -17.26 -19.94
N GLU B 58 -19.41 -16.22 -19.39
CA GLU B 58 -19.33 -14.87 -20.00
C GLU B 58 -19.01 -13.85 -18.91
N ASN B 59 -17.80 -13.93 -18.34
CA ASN B 59 -17.36 -12.92 -17.32
C ASN B 59 -15.84 -12.87 -17.35
N PRO B 60 -15.22 -11.70 -17.62
CA PRO B 60 -13.75 -11.60 -17.73
C PRO B 60 -13.01 -11.49 -16.42
N PHE B 61 -13.68 -11.71 -15.29
CA PHE B 61 -13.03 -11.74 -13.99
C PHE B 61 -12.98 -13.16 -13.43
N ARG B 62 -13.23 -14.15 -14.28
CA ARG B 62 -13.24 -15.54 -13.87
C ARG B 62 -11.87 -15.96 -13.35
N GLU B 63 -11.88 -16.68 -12.23
CA GLU B 63 -10.64 -17.13 -11.60
C GLU B 63 -10.12 -18.40 -12.26
N GLY C 2 1.83 -17.42 -19.03
CA GLY C 2 3.03 -17.41 -19.85
C GLY C 2 2.82 -17.95 -21.25
N CYS C 3 2.27 -19.16 -21.34
CA CYS C 3 2.03 -19.77 -22.64
C CYS C 3 0.79 -19.21 -23.32
N THR C 4 -0.09 -18.57 -22.56
CA THR C 4 -1.33 -18.03 -23.11
C THR C 4 -1.21 -16.56 -23.48
N LEU C 5 -0.12 -15.90 -23.08
CA LEU C 5 0.02 -14.47 -23.26
C LEU C 5 0.72 -14.13 -24.58
N SER C 6 0.18 -13.14 -25.27
CA SER C 6 0.72 -12.69 -26.54
C SER C 6 2.05 -11.99 -26.33
N ALA C 7 2.65 -11.53 -27.43
CA ALA C 7 3.90 -10.78 -27.33
C ALA C 7 3.70 -9.39 -26.76
N GLU C 8 2.46 -8.89 -26.81
CA GLU C 8 2.13 -7.57 -26.29
C GLU C 8 1.73 -7.60 -24.83
N ASP C 9 1.18 -8.71 -24.35
CA ASP C 9 0.84 -8.88 -22.94
C ASP C 9 2.06 -9.03 -22.06
N LYS C 10 3.10 -9.70 -22.55
CA LYS C 10 4.31 -9.87 -21.76
C LYS C 10 4.97 -8.54 -21.47
N ALA C 11 4.97 -7.63 -22.46
CA ALA C 11 5.53 -6.31 -22.23
C ALA C 11 4.72 -5.52 -21.21
N ALA C 12 3.40 -5.72 -21.19
CA ALA C 12 2.56 -5.07 -20.19
C ALA C 12 2.86 -5.59 -18.80
N VAL C 13 3.06 -6.91 -18.68
CA VAL C 13 3.43 -7.50 -17.39
C VAL C 13 4.77 -6.94 -16.93
N GLU C 14 5.72 -6.82 -17.85
CA GLU C 14 7.02 -6.25 -17.52
C GLU C 14 6.89 -4.83 -17.00
N ARG C 15 6.07 -4.01 -17.66
CA ARG C 15 5.87 -2.63 -17.23
C ARG C 15 5.25 -2.58 -15.84
N SER C 16 4.25 -3.42 -15.58
CA SER C 16 3.63 -3.45 -14.26
C SER C 16 4.64 -3.84 -13.19
N LYS C 17 5.52 -4.79 -13.50
CA LYS C 17 6.54 -5.20 -12.55
C LYS C 17 7.52 -4.08 -12.23
N MET C 18 7.94 -3.32 -13.24
CA MET C 18 8.85 -2.20 -12.98
C MET C 18 8.17 -1.14 -12.12
N ILE C 19 6.88 -0.89 -12.39
CA ILE C 19 6.13 0.05 -11.55
C ILE C 19 6.10 -0.45 -10.11
N ASP C 20 5.92 -1.75 -9.92
CA ASP C 20 5.93 -2.33 -8.58
C ASP C 20 7.24 -2.08 -7.87
N ARG C 21 8.35 -2.30 -8.56
CA ARG C 21 9.64 -2.12 -7.90
C ARG C 21 9.87 -0.66 -7.54
N ASN C 22 9.41 0.26 -8.39
CA ASN C 22 9.61 1.67 -8.07
C ASN C 22 8.75 2.11 -6.89
N LEU C 23 7.51 1.61 -6.81
CA LEU C 23 6.69 1.87 -5.63
C LEU C 23 7.36 1.36 -4.36
N ARG C 24 7.88 0.13 -4.40
CA ARG C 24 8.51 -0.44 -3.22
C ARG C 24 9.75 0.35 -2.81
N GLU C 25 10.57 0.76 -3.78
CA GLU C 25 11.74 1.55 -3.45
C GLU C 25 11.36 2.92 -2.90
N ASP C 26 10.26 3.49 -3.39
CA ASP C 26 9.84 4.81 -2.91
C ASP C 26 9.31 4.75 -1.49
N GLY C 27 8.57 3.70 -1.16
CA GLY C 27 7.93 3.64 0.15
C GLY C 27 8.85 3.33 1.32
N GLU C 28 10.10 2.96 1.05
CA GLU C 28 11.05 2.66 2.12
C GLU C 28 11.77 3.91 2.61
N LYS C 29 12.11 4.81 1.70
CA LYS C 29 12.76 6.05 2.09
C LYS C 29 11.81 6.95 2.88
N ALA C 30 10.50 6.70 2.78
CA ALA C 30 9.53 7.45 3.57
C ALA C 30 9.48 7.00 5.01
N ALA C 31 10.13 5.88 5.34
CA ALA C 31 10.14 5.35 6.70
C ALA C 31 11.43 5.64 7.44
N ARG C 32 12.29 6.49 6.91
CA ARG C 32 13.50 6.92 7.60
C ARG C 32 13.43 8.38 8.01
N GLU C 33 12.21 8.89 8.18
CA GLU C 33 11.95 10.28 8.53
C GLU C 33 10.94 10.36 9.66
N VAL C 34 11.06 11.42 10.47
CA VAL C 34 10.29 11.59 11.69
C VAL C 34 9.18 12.61 11.45
N LYS C 35 7.99 12.29 11.92
CA LYS C 35 6.82 13.15 11.75
C LYS C 35 6.47 13.84 13.06
N LEU C 36 6.48 15.17 13.03
CA LEU C 36 6.14 16.00 14.17
C LEU C 36 5.00 16.93 13.80
N LEU C 37 3.94 16.93 14.59
CA LEU C 37 2.79 17.80 14.37
C LEU C 37 2.83 18.94 15.39
N LEU C 38 2.70 20.17 14.90
CA LEU C 38 2.88 21.37 15.69
C LEU C 38 1.54 22.02 16.02
N LEU C 39 1.34 22.37 17.29
CA LEU C 39 0.13 23.05 17.72
C LEU C 39 0.45 24.14 18.74
N GLY C 40 -0.49 25.07 18.83
CA GLY C 40 -0.36 26.24 19.68
C GLY C 40 -1.64 27.04 19.64
N ALA C 41 -1.68 28.08 20.47
CA ALA C 41 -2.90 28.87 20.64
C ALA C 41 -2.92 30.14 19.81
N GLY C 42 -1.95 30.35 18.92
CA GLY C 42 -1.92 31.55 18.11
C GLY C 42 -0.54 32.17 18.07
N GLU C 43 -0.41 33.41 18.55
CA GLU C 43 0.91 34.00 18.70
C GLU C 43 1.51 33.57 20.03
N SER C 44 1.44 32.27 20.31
CA SER C 44 1.98 31.67 21.52
C SER C 44 3.45 31.33 21.38
N GLY C 45 4.14 31.97 20.44
CA GLY C 45 5.50 31.60 20.11
C GLY C 45 5.62 30.46 19.11
N LYS C 46 4.51 30.04 18.52
CA LYS C 46 4.58 29.03 17.47
C LYS C 46 5.50 29.49 16.34
N ASN C 47 5.24 30.70 15.83
CA ASN C 47 6.09 31.24 14.78
C ASN C 47 7.53 31.38 15.24
N THR C 48 7.75 31.76 16.51
CA THR C 48 9.13 31.99 16.93
C THR C 48 9.88 30.68 17.12
N ILE C 49 9.22 29.61 17.57
CA ILE C 49 9.93 28.34 17.60
C ILE C 49 10.19 27.85 16.19
N VAL C 50 9.25 28.08 15.27
CA VAL C 50 9.47 27.65 13.89
C VAL C 50 10.70 28.34 13.31
N LYS C 51 10.80 29.66 13.52
CA LYS C 51 12.00 30.36 13.05
C LYS C 51 13.23 30.02 13.88
N GLN C 52 13.05 29.47 15.08
CA GLN C 52 14.21 29.02 15.85
C GLN C 52 14.80 27.73 15.29
N MET C 53 13.95 26.76 14.94
CA MET C 53 14.48 25.47 14.49
C MET C 53 15.17 25.58 13.13
N LYS C 54 14.62 26.37 12.21
CA LYS C 54 15.32 26.59 10.95
C LYS C 54 16.55 27.46 11.17
N GLY C 183 -2.91 27.35 3.12
CA GLY C 183 -2.90 25.90 3.18
C GLY C 183 -1.98 25.35 4.24
N ILE C 184 -1.97 24.03 4.39
CA ILE C 184 -1.11 23.34 5.34
C ILE C 184 0.33 23.66 5.01
N VAL C 185 1.11 24.03 6.01
CA VAL C 185 2.48 24.46 5.79
C VAL C 185 3.42 23.35 6.22
N GLU C 186 4.57 23.27 5.58
CA GLU C 186 5.53 22.20 5.79
C GLU C 186 6.89 22.78 6.08
N THR C 187 7.68 22.04 6.86
CA THR C 187 9.07 22.43 7.11
C THR C 187 9.92 21.18 7.24
N HIS C 188 11.17 21.27 6.80
CA HIS C 188 12.06 20.13 6.73
C HIS C 188 13.38 20.51 7.38
N PHE C 189 13.95 19.62 8.19
CA PHE C 189 15.28 19.93 8.71
C PHE C 189 16.05 18.66 9.06
N THR C 190 17.36 18.80 9.16
CA THR C 190 18.26 17.69 9.43
C THR C 190 19.26 18.08 10.51
N PHE C 191 19.60 17.12 11.38
CA PHE C 191 20.42 17.41 12.54
C PHE C 191 21.04 16.10 13.00
N LYS C 192 22.35 15.97 12.89
CA LYS C 192 23.08 14.76 13.25
C LYS C 192 22.50 13.54 12.55
N ASP C 193 22.31 13.66 11.24
CA ASP C 193 21.95 12.54 10.36
C ASP C 193 20.57 11.97 10.70
N LEU C 194 19.57 12.85 10.75
CA LEU C 194 18.20 12.41 10.94
C LEU C 194 17.27 13.48 10.39
N HIS C 195 16.20 13.04 9.70
CA HIS C 195 15.36 13.94 8.91
C HIS C 195 14.03 14.14 9.62
N PHE C 196 13.70 15.38 9.95
CA PHE C 196 12.46 15.73 10.62
C PHE C 196 11.57 16.55 9.71
N LYS C 197 10.27 16.28 9.81
CA LYS C 197 9.24 16.96 9.04
C LYS C 197 8.27 17.59 10.02
N MET C 198 8.00 18.88 9.86
CA MET C 198 7.02 19.59 10.70
C MET C 198 5.83 20.02 9.86
N PHE C 199 4.64 19.64 10.30
CA PHE C 199 3.40 19.92 9.58
C PHE C 199 2.60 20.96 10.38
N ASP C 200 2.63 22.20 9.92
CA ASP C 200 2.00 23.33 10.60
C ASP C 200 0.59 23.51 10.04
N VAL C 201 -0.39 23.46 10.92
CA VAL C 201 -1.79 23.47 10.53
C VAL C 201 -2.50 24.68 11.12
N GLY C 202 -1.76 25.77 11.32
CA GLY C 202 -2.33 26.91 12.01
C GLY C 202 -3.47 27.58 11.27
N ALA C 203 -3.31 27.75 9.96
CA ALA C 203 -4.22 28.59 9.18
C ALA C 203 -5.40 27.82 8.59
N GLN C 204 -5.57 26.53 8.92
CA GLN C 204 -6.65 25.77 8.30
C GLN C 204 -8.01 26.33 8.67
N ARG C 205 -8.20 26.69 9.95
CA ARG C 205 -9.41 27.35 10.43
C ARG C 205 -10.69 26.56 10.14
N SER C 206 -10.56 25.27 9.91
CA SER C 206 -11.70 24.42 9.59
C SER C 206 -12.10 23.59 10.81
N GLU C 207 -13.15 22.80 10.65
CA GLU C 207 -13.60 21.90 11.71
C GLU C 207 -12.55 20.82 11.95
N ARG C 208 -11.87 20.89 13.08
CA ARG C 208 -10.65 20.10 13.28
C ARG C 208 -10.92 18.61 13.37
N LYS C 209 -12.13 18.21 13.72
CA LYS C 209 -12.40 16.78 13.89
C LYS C 209 -12.44 16.03 12.58
N LYS C 210 -12.53 16.74 11.45
CA LYS C 210 -12.64 16.11 10.14
C LYS C 210 -11.29 15.89 9.45
N TRP C 211 -10.22 16.46 9.98
CA TRP C 211 -8.93 16.33 9.30
C TRP C 211 -7.81 15.97 10.27
N ILE C 212 -8.11 15.55 11.49
CA ILE C 212 -7.06 15.34 12.46
C ILE C 212 -6.50 13.93 12.38
N HIS C 213 -7.30 12.96 11.95
CA HIS C 213 -6.83 11.58 11.89
C HIS C 213 -5.85 11.34 10.75
N CYS C 214 -5.68 12.31 9.85
CA CYS C 214 -4.65 12.17 8.83
C CYS C 214 -3.25 12.13 9.42
N PHE C 215 -3.10 12.55 10.67
CA PHE C 215 -1.82 12.57 11.35
C PHE C 215 -1.72 11.49 12.40
N GLU C 216 -2.55 10.44 12.29
CA GLU C 216 -2.68 9.45 13.36
C GLU C 216 -1.35 8.79 13.69
N GLY C 217 -0.49 8.60 12.71
CA GLY C 217 0.72 7.85 12.95
C GLY C 217 1.98 8.67 13.08
N VAL C 218 1.86 9.94 13.49
CA VAL C 218 3.05 10.77 13.61
C VAL C 218 3.90 10.31 14.79
N THR C 219 5.16 10.73 14.78
CA THR C 219 6.04 10.44 15.90
C THR C 219 5.65 11.27 17.12
N ALA C 220 5.69 12.60 17.01
CA ALA C 220 5.51 13.43 18.19
C ALA C 220 4.59 14.62 17.91
N ILE C 221 4.08 15.20 19.00
CA ILE C 221 3.40 16.50 18.95
C ILE C 221 4.28 17.51 19.66
N ILE C 222 4.32 18.73 19.13
CA ILE C 222 5.04 19.85 19.74
C ILE C 222 4.04 20.95 20.02
N PHE C 223 3.91 21.33 21.29
CA PHE C 223 2.85 22.22 21.75
C PHE C 223 3.51 23.44 22.38
N CYS C 224 3.25 24.62 21.82
CA CYS C 224 3.93 25.83 22.24
C CYS C 224 3.00 26.74 23.02
N VAL C 225 3.46 27.18 24.20
CA VAL C 225 2.75 28.18 25.01
C VAL C 225 3.79 29.09 25.65
N ALA C 226 3.59 30.39 25.54
CA ALA C 226 4.53 31.37 26.10
C ALA C 226 4.05 31.78 27.48
N LEU C 227 4.91 31.58 28.49
CA LEU C 227 4.46 31.58 29.88
C LEU C 227 4.35 32.97 30.49
N SER C 228 4.54 34.03 29.71
CA SER C 228 4.39 35.40 30.20
C SER C 228 3.16 36.06 29.62
N ASP C 229 2.08 35.29 29.52
CA ASP C 229 0.91 35.67 28.73
C ASP C 229 -0.36 35.41 29.52
N TYR C 230 -0.30 35.58 30.84
CA TYR C 230 -1.44 35.41 31.73
C TYR C 230 -2.11 36.74 32.09
N ASP C 231 -1.32 37.78 32.34
CA ASP C 231 -1.89 39.09 32.62
C ASP C 231 -2.49 39.70 31.35
N LEU C 232 -1.75 39.64 30.25
CA LEU C 232 -2.24 40.14 28.97
C LEU C 232 -3.26 39.15 28.41
N VAL C 233 -4.50 39.59 28.28
CA VAL C 233 -5.57 38.74 27.80
C VAL C 233 -5.75 38.94 26.31
N LEU C 234 -6.21 37.90 25.63
CA LEU C 234 -6.45 37.94 24.20
C LEU C 234 -7.57 38.92 23.88
N ALA C 235 -7.58 39.40 22.63
CA ALA C 235 -8.56 40.38 22.20
C ALA C 235 -9.99 39.87 22.33
N GLU C 236 -10.18 38.55 22.35
CA GLU C 236 -11.53 38.00 22.44
C GLU C 236 -12.19 38.36 23.78
N ASP C 237 -11.45 38.29 24.87
CA ASP C 237 -12.03 38.55 26.19
C ASP C 237 -11.00 39.20 27.11
N GLU C 238 -11.47 40.15 27.92
CA GLU C 238 -10.62 40.74 28.94
C GLU C 238 -10.59 39.90 30.22
N GLU C 239 -11.59 39.04 30.41
CA GLU C 239 -11.67 38.26 31.64
C GLU C 239 -11.04 36.88 31.48
N MET C 240 -11.53 36.10 30.51
CA MET C 240 -10.97 34.78 30.22
C MET C 240 -9.60 34.98 29.59
N ASN C 241 -8.55 34.56 30.28
CA ASN C 241 -7.20 34.89 29.87
C ASN C 241 -6.70 33.91 28.81
N ARG C 242 -5.52 34.23 28.26
CA ARG C 242 -4.93 33.36 27.25
C ARG C 242 -4.50 32.03 27.84
N MET C 243 -4.13 32.00 29.13
CA MET C 243 -3.70 30.76 29.75
C MET C 243 -4.84 29.75 29.84
N HIS C 244 -6.05 30.22 30.11
CA HIS C 244 -7.20 29.30 30.15
C HIS C 244 -7.46 28.69 28.77
N ALA C 245 -7.32 29.50 27.71
CA ALA C 245 -7.48 28.96 26.35
C ALA C 245 -6.39 27.95 26.03
N SER C 246 -5.14 28.24 26.40
CA SER C 246 -4.08 27.27 26.17
C SER C 246 -4.33 25.97 26.94
N MET C 247 -4.84 26.09 28.16
CA MET C 247 -5.18 24.89 28.94
C MET C 247 -6.27 24.09 28.25
N LYS C 248 -7.29 24.77 27.72
CA LYS C 248 -8.32 24.07 26.97
C LYS C 248 -7.73 23.33 25.77
N LEU C 249 -6.82 23.99 25.05
CA LEU C 249 -6.23 23.36 23.87
C LEU C 249 -5.42 22.12 24.23
N PHE C 250 -4.55 22.25 25.24
CA PHE C 250 -3.72 21.12 25.65
C PHE C 250 -4.57 19.98 26.20
N ASP C 251 -5.62 20.30 26.96
CA ASP C 251 -6.50 19.25 27.45
C ASP C 251 -7.21 18.54 26.30
N SER C 252 -7.68 19.30 25.32
CA SER C 252 -8.40 18.68 24.21
C SER C 252 -7.50 17.80 23.37
N ILE C 253 -6.26 18.24 23.12
CA ILE C 253 -5.36 17.43 22.32
C ILE C 253 -4.88 16.19 23.09
N CYS C 254 -4.62 16.34 24.38
CA CYS C 254 -3.93 15.28 25.12
C CYS C 254 -4.77 14.02 25.29
N ASN C 255 -6.09 14.13 25.19
CA ASN C 255 -6.98 12.97 25.34
C ASN C 255 -7.65 12.59 24.04
N ASN C 256 -7.06 12.94 22.90
CA ASN C 256 -7.61 12.58 21.61
C ASN C 256 -7.53 11.08 21.38
N LYS C 257 -8.55 10.51 20.73
CA LYS C 257 -8.59 9.08 20.52
C LYS C 257 -7.53 8.60 19.53
N TRP C 258 -6.99 9.47 18.69
CA TRP C 258 -5.99 9.09 17.71
C TRP C 258 -4.57 9.31 18.20
N PHE C 259 -4.40 9.71 19.47
CA PHE C 259 -3.09 10.03 19.99
C PHE C 259 -2.86 9.37 21.35
N THR C 260 -3.48 8.20 21.58
CA THR C 260 -3.35 7.56 22.88
C THR C 260 -1.95 7.06 23.16
N ASP C 261 -1.13 6.85 22.13
CA ASP C 261 0.24 6.40 22.31
C ASP C 261 1.24 7.43 21.80
N THR C 262 0.83 8.69 21.68
CA THR C 262 1.66 9.72 21.07
C THR C 262 2.23 10.62 22.16
N SER C 263 3.54 10.84 22.11
CA SER C 263 4.20 11.71 23.07
C SER C 263 4.07 13.18 22.66
N ILE C 264 4.19 14.04 23.66
CA ILE C 264 4.01 15.47 23.54
C ILE C 264 5.23 16.18 24.11
N ILE C 265 5.72 17.19 23.41
CA ILE C 265 6.77 18.07 23.88
C ILE C 265 6.16 19.44 24.13
N LEU C 266 6.14 19.85 25.40
CA LEU C 266 5.57 21.13 25.80
C LEU C 266 6.67 22.18 25.93
N PHE C 267 6.72 23.10 24.97
CA PHE C 267 7.57 24.28 25.09
C PHE C 267 6.85 25.41 25.79
N LEU C 268 7.55 26.02 26.75
CA LEU C 268 7.08 27.20 27.47
C LEU C 268 8.04 28.33 27.13
N ASN C 269 7.52 29.36 26.46
CA ASN C 269 8.29 30.33 25.70
C ASN C 269 8.32 31.69 26.41
N LYS C 270 9.24 32.53 25.96
CA LYS C 270 9.31 33.93 26.39
C LYS C 270 9.29 34.04 27.92
N LYS C 271 10.36 33.51 28.53
CA LYS C 271 10.44 33.42 29.98
C LYS C 271 10.96 34.69 30.63
N ASP C 272 11.84 35.44 29.94
CA ASP C 272 12.49 36.58 30.57
C ASP C 272 11.48 37.67 30.92
N LEU C 273 10.52 37.93 30.02
CA LEU C 273 9.49 38.92 30.26
C LEU C 273 8.57 38.55 31.42
N PHE C 274 8.52 37.25 31.77
CA PHE C 274 7.58 36.79 32.76
C PHE C 274 7.90 37.34 34.15
N GLU C 275 9.17 37.50 34.49
CA GLU C 275 9.50 38.08 35.79
C GLU C 275 9.04 39.52 35.87
N GLU C 276 9.24 40.31 34.80
CA GLU C 276 8.77 41.68 34.80
C GLU C 276 7.25 41.73 34.94
N LYS C 277 6.55 40.84 34.25
CA LYS C 277 5.09 40.88 34.36
C LYS C 277 4.61 40.37 35.72
N ILE C 278 5.35 39.46 36.35
CA ILE C 278 4.86 38.85 37.58
C ILE C 278 5.16 39.73 38.79
N LYS C 279 6.25 40.50 38.76
CA LYS C 279 6.59 41.30 39.93
C LYS C 279 5.62 42.46 40.16
N LYS C 280 4.82 42.82 39.16
CA LYS C 280 3.85 43.88 39.35
C LYS C 280 2.56 43.36 39.98
N SER C 281 2.28 42.07 39.83
CA SER C 281 1.06 41.50 40.36
C SER C 281 1.23 39.99 40.55
N PRO C 282 0.95 39.46 41.74
CA PRO C 282 1.09 38.01 41.95
C PRO C 282 0.21 37.21 41.00
N LEU C 283 0.50 35.91 40.93
CA LEU C 283 -0.20 35.01 40.03
C LEU C 283 -1.68 34.91 40.38
N THR C 284 -2.12 35.58 41.44
CA THR C 284 -3.49 35.48 41.92
C THR C 284 -4.51 35.89 40.86
N ILE C 285 -4.12 36.74 39.91
CA ILE C 285 -5.05 37.15 38.86
C ILE C 285 -5.55 35.93 38.09
N CYS C 286 -4.62 35.07 37.66
CA CYS C 286 -4.98 33.83 36.97
C CYS C 286 -4.90 32.61 37.86
N TYR C 287 -4.15 32.68 38.95
CA TYR C 287 -4.05 31.58 39.93
C TYR C 287 -4.41 32.13 41.31
N PRO C 288 -5.68 32.49 41.53
CA PRO C 288 -6.07 33.03 42.84
C PRO C 288 -5.84 32.07 43.98
N GLU C 289 -6.00 30.76 43.75
CA GLU C 289 -5.81 29.75 44.78
C GLU C 289 -4.34 29.39 44.98
N TYR C 290 -3.42 30.18 44.44
CA TYR C 290 -1.99 29.95 44.59
C TYR C 290 -1.44 30.84 45.69
N ALA C 291 -0.42 30.36 46.39
CA ALA C 291 0.26 31.12 47.43
C ALA C 291 1.77 30.94 47.27
N GLY C 292 2.46 32.04 46.98
CA GLY C 292 3.90 31.99 46.84
C GLY C 292 4.49 33.39 46.88
N SER C 293 5.77 33.44 47.25
CA SER C 293 6.48 34.70 47.44
C SER C 293 6.71 35.46 46.13
N ASN C 294 6.24 34.93 45.00
CA ASN C 294 6.33 35.60 43.70
C ASN C 294 7.77 35.72 43.21
N THR C 295 8.50 34.61 43.21
CA THR C 295 9.75 34.51 42.50
C THR C 295 9.54 33.67 41.24
N TYR C 296 10.49 33.80 40.30
CA TYR C 296 10.33 33.14 39.02
C TYR C 296 10.25 31.63 39.18
N GLU C 297 11.08 31.06 40.07
CA GLU C 297 11.17 29.61 40.18
C GLU C 297 9.86 28.99 40.63
N GLU C 298 9.28 29.51 41.70
CA GLU C 298 8.06 28.90 42.23
C GLU C 298 6.87 29.13 41.30
N ALA C 299 6.83 30.31 40.67
CA ALA C 299 5.72 30.63 39.74
C ALA C 299 5.79 29.73 38.51
N ALA C 300 6.95 29.72 37.83
CA ALA C 300 7.11 28.90 36.60
C ALA C 300 6.89 27.42 36.93
N ALA C 301 7.44 26.95 38.05
CA ALA C 301 7.28 25.52 38.44
C ALA C 301 5.80 25.22 38.64
N TYR C 302 5.08 26.10 39.33
CA TYR C 302 3.62 25.90 39.56
C TYR C 302 2.92 25.82 38.20
N ILE C 303 3.25 26.74 37.29
CA ILE C 303 2.61 26.76 35.94
C ILE C 303 2.85 25.40 35.27
N GLN C 304 4.09 24.91 35.31
CA GLN C 304 4.44 23.61 34.67
C GLN C 304 3.60 22.50 35.30
N CYS C 305 3.53 22.46 36.63
CA CYS C 305 2.70 21.43 37.32
C CYS C 305 1.28 21.48 36.78
N GLN C 306 0.61 22.64 36.91
CA GLN C 306 -0.75 22.79 36.41
C GLN C 306 -0.85 22.44 34.94
N PHE C 307 0.28 22.34 34.23
CA PHE C 307 0.23 21.86 32.86
C PHE C 307 0.33 20.34 32.78
N GLU C 308 1.35 19.74 33.40
CA GLU C 308 1.47 18.29 33.24
C GLU C 308 0.44 17.51 34.05
N ASP C 309 -0.30 18.17 34.94
CA ASP C 309 -1.35 17.42 35.63
C ASP C 309 -2.55 17.15 34.73
N LEU C 310 -2.58 17.71 33.53
CA LEU C 310 -3.73 17.55 32.64
C LEU C 310 -3.79 16.18 31.99
N ASN C 311 -2.69 15.43 31.99
CA ASN C 311 -2.66 14.13 31.34
C ASN C 311 -3.63 13.17 32.02
N LYS C 312 -4.25 12.29 31.21
CA LYS C 312 -5.13 11.26 31.73
C LYS C 312 -4.69 9.85 31.36
N ARG C 313 -3.55 9.68 30.70
CA ARG C 313 -3.03 8.34 30.41
C ARG C 313 -2.03 7.88 31.46
N LYS C 314 -0.90 8.57 31.58
CA LYS C 314 0.08 8.37 32.63
C LYS C 314 0.76 7.00 32.56
N ASP C 315 0.36 6.17 31.60
CA ASP C 315 0.97 4.84 31.48
C ASP C 315 1.31 4.47 30.05
N THR C 316 0.57 5.02 29.09
CA THR C 316 0.88 4.86 27.67
C THR C 316 1.22 6.19 27.00
N LYS C 317 1.74 7.15 27.75
CA LYS C 317 2.05 8.46 27.20
C LYS C 317 3.01 9.17 28.14
N GLU C 318 3.91 9.97 27.57
CA GLU C 318 4.85 10.74 28.37
C GLU C 318 4.89 12.17 27.85
N ILE C 319 5.08 13.12 28.76
CA ILE C 319 5.07 14.53 28.44
C ILE C 319 6.41 15.12 28.85
N TYR C 320 7.04 15.84 27.93
CA TYR C 320 8.35 16.43 28.15
C TYR C 320 8.21 17.95 28.13
N THR C 321 8.58 18.58 29.23
CA THR C 321 8.37 20.01 29.43
C THR C 321 9.73 20.72 29.47
N HIS C 322 9.75 21.95 28.99
CA HIS C 322 11.01 22.66 28.83
C HIS C 322 10.78 24.17 28.84
N PHE C 323 11.54 24.88 29.66
CA PHE C 323 11.38 26.32 29.74
C PHE C 323 12.44 27.03 28.92
N THR C 324 12.03 27.94 28.05
CA THR C 324 12.99 28.61 27.17
C THR C 324 12.56 30.00 26.76
N CYS C 325 13.54 30.83 26.38
CA CYS C 325 13.21 32.17 25.90
C CYS C 325 13.06 32.10 24.39
N SER C 326 12.84 33.24 23.75
CA SER C 326 12.69 33.27 22.30
C SER C 326 13.93 32.70 21.63
N THR C 327 15.11 33.13 22.07
CA THR C 327 16.35 32.62 21.50
C THR C 327 16.81 31.41 22.31
N ASP C 328 17.55 30.50 21.69
CA ASP C 328 17.95 29.29 22.38
C ASP C 328 19.13 28.58 21.76
N THR C 329 19.65 27.58 22.47
CA THR C 329 20.74 26.78 21.94
C THR C 329 20.47 25.33 22.35
N LYS C 330 19.21 25.00 22.59
CA LYS C 330 18.87 23.66 23.07
C LYS C 330 17.56 23.12 22.52
N ASN C 331 16.63 24.00 22.16
CA ASN C 331 15.33 23.55 21.70
C ASN C 331 15.43 22.46 20.64
N VAL C 332 16.61 22.26 20.07
CA VAL C 332 16.81 21.24 19.05
C VAL C 332 17.27 19.93 19.67
N GLN C 333 18.15 19.99 20.67
CA GLN C 333 18.59 18.76 21.33
C GLN C 333 17.44 18.10 22.07
N PHE C 334 16.55 18.90 22.64
CA PHE C 334 15.44 18.38 23.43
C PHE C 334 14.57 17.43 22.59
N VAL C 335 14.22 17.85 21.37
CA VAL C 335 13.36 17.02 20.54
C VAL C 335 14.09 15.78 20.08
N PHE C 336 15.39 15.91 19.76
CA PHE C 336 16.23 14.75 19.46
C PHE C 336 16.12 13.71 20.56
N ASP C 337 16.29 14.14 21.81
CA ASP C 337 16.25 13.21 22.93
C ASP C 337 14.90 12.55 23.07
N ALA C 338 13.83 13.34 23.00
CA ALA C 338 12.50 12.77 23.19
C ALA C 338 12.18 11.75 22.10
N VAL C 339 12.53 12.05 20.85
CA VAL C 339 12.20 11.12 19.79
C VAL C 339 13.09 9.89 19.84
N THR C 340 14.34 10.02 20.28
CA THR C 340 15.18 8.84 20.49
C THR C 340 14.54 7.91 21.51
N ASP C 341 14.01 8.47 22.60
CA ASP C 341 13.34 7.65 23.60
C ASP C 341 12.13 6.93 23.00
N VAL C 342 11.29 7.65 22.26
CA VAL C 342 10.10 7.03 21.68
C VAL C 342 10.50 5.89 20.73
N ILE C 343 11.55 6.11 19.92
CA ILE C 343 11.99 5.08 18.98
C ILE C 343 12.49 3.84 19.71
N ILE C 344 13.28 4.01 20.77
CA ILE C 344 13.80 2.83 21.47
C ILE C 344 12.66 2.03 22.09
N LYS C 345 11.67 2.72 22.65
CA LYS C 345 10.52 2.01 23.21
C LYS C 345 9.75 1.25 22.12
N ASN C 346 9.56 1.89 20.96
CA ASN C 346 8.89 1.20 19.85
C ASN C 346 9.64 -0.06 19.44
N ASN C 347 10.97 0.02 19.35
CA ASN C 347 11.77 -1.15 19.01
C ASN C 347 11.56 -2.28 20.03
N LEU C 348 11.71 -1.95 21.32
CA LEU C 348 11.53 -2.98 22.35
C LEU C 348 10.14 -3.56 22.32
N LYS C 349 9.14 -2.79 21.88
CA LYS C 349 7.81 -3.37 21.73
C LYS C 349 7.76 -4.31 20.53
N ASP C 350 8.49 -3.97 19.48
CA ASP C 350 8.55 -4.85 18.32
C ASP C 350 9.14 -6.21 18.67
N CYS C 351 10.17 -6.22 19.54
CA CYS C 351 10.71 -7.49 20.01
C CYS C 351 9.63 -8.40 20.57
N GLY C 352 8.68 -7.82 21.29
CA GLY C 352 7.85 -8.56 22.22
C GLY C 352 8.36 -8.51 23.63
N LEU C 353 9.53 -7.92 23.84
CA LEU C 353 10.12 -7.75 25.16
C LEU C 353 9.41 -6.60 25.88
N PHE C 354 8.10 -6.78 26.06
CA PHE C 354 7.24 -5.69 26.51
C PHE C 354 5.86 -6.22 26.87
N VAL D 2 8.64 15.71 -30.72
CA VAL D 2 9.20 14.36 -30.66
C VAL D 2 10.00 14.09 -31.91
N GLN D 3 11.14 13.42 -31.75
CA GLN D 3 11.92 13.00 -32.91
C GLN D 3 12.96 11.96 -32.48
N LEU D 4 13.31 11.09 -33.43
CA LEU D 4 14.33 10.06 -33.26
C LEU D 4 15.33 10.21 -34.39
N VAL D 5 16.36 11.02 -34.18
CA VAL D 5 17.35 11.23 -35.22
C VAL D 5 18.31 10.06 -35.22
N GLU D 6 18.38 9.34 -36.33
CA GLU D 6 19.14 8.10 -36.43
C GLU D 6 20.34 8.30 -37.33
N SER D 7 21.46 7.68 -36.99
CA SER D 7 22.68 7.78 -37.77
C SER D 7 23.43 6.47 -37.67
N GLY D 8 24.35 6.27 -38.63
CA GLY D 8 25.24 5.12 -38.57
C GLY D 8 25.42 4.34 -39.87
N GLY D 9 24.78 4.78 -40.95
CA GLY D 9 24.80 4.03 -42.19
C GLY D 9 26.06 4.25 -43.01
N GLY D 10 26.06 3.68 -44.20
CA GLY D 10 27.16 3.84 -45.12
C GLY D 10 27.40 2.58 -45.93
N LEU D 11 28.53 2.56 -46.62
CA LEU D 11 28.95 1.42 -47.41
C LEU D 11 29.96 0.59 -46.63
N VAL D 12 29.83 -0.74 -46.72
CA VAL D 12 30.60 -1.65 -45.88
C VAL D 12 31.13 -2.79 -46.73
N GLN D 13 32.39 -3.17 -46.47
CA GLN D 13 32.90 -4.42 -46.98
C GLN D 13 32.13 -5.58 -46.36
N PRO D 14 31.97 -6.70 -47.07
CA PRO D 14 31.14 -7.79 -46.54
C PRO D 14 31.61 -8.30 -45.19
N GLY D 15 32.91 -8.42 -44.98
CA GLY D 15 33.41 -8.79 -43.67
C GLY D 15 33.77 -7.58 -42.84
N GLY D 16 32.87 -7.16 -41.96
CA GLY D 16 33.13 -5.96 -41.18
C GLY D 16 32.00 -5.70 -40.21
N SER D 17 32.23 -4.72 -39.35
CA SER D 17 31.31 -4.35 -38.27
C SER D 17 30.80 -2.94 -38.51
N ARG D 18 29.58 -2.67 -38.03
CA ARG D 18 29.01 -1.33 -38.11
C ARG D 18 27.96 -1.18 -37.03
N LYS D 19 27.82 0.05 -36.54
CA LYS D 19 26.87 0.38 -35.48
C LYS D 19 25.89 1.43 -35.97
N LEU D 20 24.66 1.34 -35.48
CA LEU D 20 23.59 2.24 -35.85
C LEU D 20 22.94 2.75 -34.58
N SER D 21 23.00 4.06 -34.37
CA SER D 21 22.53 4.68 -33.13
C SER D 21 21.46 5.71 -33.45
N CYS D 22 20.35 5.62 -32.72
CA CYS D 22 19.30 6.64 -32.77
C CYS D 22 19.29 7.41 -31.46
N SER D 23 19.13 8.73 -31.57
CA SER D 23 19.04 9.64 -30.44
C SER D 23 17.62 10.16 -30.35
N ALA D 24 16.99 9.97 -29.20
CA ALA D 24 15.59 10.31 -28.98
C ALA D 24 15.51 11.63 -28.24
N SER D 25 14.80 12.60 -28.81
CA SER D 25 14.61 13.88 -28.16
C SER D 25 13.15 14.28 -28.25
N GLY D 26 12.58 14.65 -27.12
CA GLY D 26 11.23 15.15 -27.06
C GLY D 26 10.20 14.18 -26.53
N PHE D 27 10.59 13.25 -25.67
CA PHE D 27 9.64 12.31 -25.05
C PHE D 27 10.40 11.50 -24.01
N ALA D 28 9.65 10.64 -23.30
CA ALA D 28 10.18 9.83 -22.21
C ALA D 28 10.71 8.51 -22.76
N PHE D 29 11.92 8.59 -23.34
CA PHE D 29 12.49 7.46 -24.07
C PHE D 29 12.60 6.22 -23.20
N SER D 30 12.72 6.38 -21.89
CA SER D 30 12.94 5.26 -20.99
C SER D 30 11.67 4.52 -20.64
N SER D 31 10.58 4.75 -21.36
CA SER D 31 9.36 3.97 -21.15
C SER D 31 8.82 3.39 -22.46
N PHE D 32 9.70 3.08 -23.42
CA PHE D 32 9.30 2.78 -24.78
C PHE D 32 10.13 1.62 -25.31
N GLY D 33 9.46 0.52 -25.64
CA GLY D 33 10.14 -0.55 -26.36
C GLY D 33 10.60 -0.11 -27.73
N MET D 34 11.82 -0.51 -28.09
CA MET D 34 12.44 -0.13 -29.35
C MET D 34 12.57 -1.34 -30.27
N HIS D 35 12.40 -1.07 -31.57
CA HIS D 35 12.58 -2.06 -32.62
C HIS D 35 13.45 -1.50 -33.72
N TRP D 36 14.09 -2.41 -34.45
CA TRP D 36 14.65 -2.11 -35.77
C TRP D 36 13.88 -2.89 -36.82
N VAL D 37 13.47 -2.20 -37.89
CA VAL D 37 12.76 -2.78 -39.03
C VAL D 37 13.51 -2.42 -40.30
N ARG D 38 13.79 -3.42 -41.13
CA ARG D 38 14.63 -3.28 -42.31
C ARG D 38 13.79 -3.33 -43.58
N GLN D 39 14.16 -2.52 -44.57
CA GLN D 39 13.51 -2.52 -45.87
C GLN D 39 14.55 -2.63 -46.97
N ALA D 40 14.26 -3.43 -47.98
CA ALA D 40 15.21 -3.66 -49.06
C ALA D 40 14.91 -2.77 -50.26
N PRO D 41 15.91 -2.47 -51.08
CA PRO D 41 15.68 -1.62 -52.25
C PRO D 41 14.66 -2.21 -53.21
N GLU D 42 13.61 -1.45 -53.49
CA GLU D 42 12.55 -1.83 -54.43
C GLU D 42 11.88 -3.14 -54.04
N LYS D 43 11.86 -3.45 -52.75
CA LYS D 43 11.21 -4.65 -52.24
C LYS D 43 10.31 -4.22 -51.07
N GLY D 44 9.81 -5.19 -50.34
CA GLY D 44 9.10 -4.93 -49.11
C GLY D 44 10.07 -4.63 -47.99
N LEU D 45 9.60 -4.82 -46.76
CA LEU D 45 10.42 -4.60 -45.59
C LEU D 45 10.34 -5.82 -44.68
N GLU D 46 11.30 -5.92 -43.76
CA GLU D 46 11.42 -7.04 -42.84
C GLU D 46 11.75 -6.53 -41.45
N TRP D 47 11.16 -7.15 -40.44
CA TRP D 47 11.50 -6.81 -39.07
C TRP D 47 12.95 -7.24 -38.79
N VAL D 48 13.56 -6.60 -37.79
CA VAL D 48 14.89 -7.04 -37.37
C VAL D 48 14.90 -7.43 -35.90
N ALA D 49 14.64 -6.48 -35.00
CA ALA D 49 14.98 -6.80 -33.61
C ALA D 49 14.15 -5.98 -32.63
N TYR D 50 14.07 -6.50 -31.39
CA TYR D 50 13.24 -5.92 -30.34
C TYR D 50 13.98 -5.90 -29.01
N ILE D 51 13.98 -4.74 -28.33
CA ILE D 51 14.45 -4.61 -26.96
C ILE D 51 13.43 -3.78 -26.17
N SER D 52 13.01 -4.30 -25.02
CA SER D 52 11.85 -3.75 -24.32
C SER D 52 12.28 -2.74 -23.26
N SER D 53 11.32 -2.32 -22.44
CA SER D 53 11.52 -1.31 -21.40
C SER D 53 12.16 -1.96 -20.18
N GLY D 54 13.41 -1.61 -19.92
CA GLY D 54 14.15 -2.20 -18.83
C GLY D 54 15.13 -3.27 -19.23
N SER D 55 15.35 -3.49 -20.53
CA SER D 55 16.34 -4.44 -21.02
C SER D 55 16.07 -5.85 -20.52
N GLY D 56 14.80 -6.20 -20.39
CA GLY D 56 14.42 -7.53 -19.93
C GLY D 56 14.33 -8.57 -21.04
N THR D 57 13.52 -8.30 -22.05
CA THR D 57 13.32 -9.23 -23.16
C THR D 57 14.03 -8.69 -24.39
N ILE D 58 14.75 -9.56 -25.08
CA ILE D 58 15.41 -9.23 -26.35
C ILE D 58 15.02 -10.29 -27.36
N TYR D 59 14.75 -9.86 -28.59
CA TYR D 59 14.41 -10.78 -29.67
C TYR D 59 15.15 -10.41 -30.94
N TYR D 60 15.59 -11.43 -31.68
CA TYR D 60 16.25 -11.28 -32.97
C TYR D 60 15.47 -12.05 -34.03
N ALA D 61 15.64 -11.62 -35.27
CA ALA D 61 15.11 -12.36 -36.41
C ALA D 61 15.94 -13.61 -36.63
N ASP D 62 15.28 -14.68 -37.10
CA ASP D 62 15.95 -15.96 -37.21
C ASP D 62 17.15 -15.91 -38.14
N THR D 63 17.18 -14.95 -39.06
CA THR D 63 18.28 -14.82 -40.00
C THR D 63 19.40 -13.93 -39.49
N VAL D 64 19.24 -13.32 -38.30
CA VAL D 64 20.26 -12.45 -37.74
C VAL D 64 20.79 -12.93 -36.40
N LYS D 65 20.39 -14.12 -35.97
CA LYS D 65 20.76 -14.61 -34.64
C LYS D 65 22.27 -14.68 -34.50
N GLY D 66 22.76 -14.27 -33.33
CA GLY D 66 24.15 -14.43 -33.01
C GLY D 66 25.11 -13.58 -33.81
N ARG D 67 24.60 -12.72 -34.68
CA ARG D 67 25.45 -11.86 -35.49
C ARG D 67 25.08 -10.39 -35.40
N PHE D 68 23.92 -10.06 -34.85
CA PHE D 68 23.52 -8.70 -34.51
C PHE D 68 23.47 -8.57 -33.00
N THR D 69 23.62 -7.35 -32.50
CA THR D 69 23.51 -7.11 -31.06
C THR D 69 22.91 -5.74 -30.80
N ILE D 70 21.77 -5.71 -30.12
CA ILE D 70 21.05 -4.48 -29.78
C ILE D 70 21.53 -4.01 -28.42
N SER D 71 21.38 -2.71 -28.16
CA SER D 71 21.75 -2.17 -26.85
C SER D 71 21.06 -0.85 -26.61
N ARG D 72 20.90 -0.49 -25.34
CA ARG D 72 20.12 0.66 -24.91
C ARG D 72 20.94 1.51 -23.95
N ASP D 73 20.61 2.81 -23.87
CA ASP D 73 21.24 3.71 -22.90
C ASP D 73 20.20 4.77 -22.51
N ASP D 74 19.59 4.58 -21.34
CA ASP D 74 18.55 5.47 -20.82
C ASP D 74 19.09 6.76 -20.21
N PRO D 75 20.24 6.76 -19.54
CA PRO D 75 20.78 8.04 -19.05
C PRO D 75 20.96 9.10 -20.11
N LYS D 76 21.20 8.73 -21.37
CA LYS D 76 21.35 9.71 -22.44
C LYS D 76 20.39 9.48 -23.59
N ASN D 77 19.43 8.56 -23.47
CA ASN D 77 18.43 8.28 -24.50
C ASN D 77 19.08 8.00 -25.85
N THR D 78 19.84 6.91 -25.93
CA THR D 78 20.52 6.54 -27.16
C THR D 78 20.47 5.03 -27.33
N LEU D 79 20.11 4.57 -28.53
CA LEU D 79 20.00 3.13 -28.75
C LEU D 79 20.84 2.70 -29.95
N PHE D 80 21.52 1.55 -29.80
CA PHE D 80 22.48 1.04 -30.76
C PHE D 80 22.06 -0.31 -31.29
N LEU D 81 22.53 -0.60 -32.50
CA LEU D 81 22.58 -1.95 -33.06
C LEU D 81 23.97 -2.17 -33.64
N GLN D 82 24.50 -3.38 -33.46
CA GLN D 82 25.88 -3.71 -33.75
C GLN D 82 25.92 -4.92 -34.68
N MET D 83 26.70 -4.81 -35.76
CA MET D 83 26.76 -5.84 -36.80
C MET D 83 28.20 -6.22 -37.02
N THR D 84 28.45 -7.52 -37.20
CA THR D 84 29.79 -8.06 -37.41
C THR D 84 29.90 -8.91 -38.67
N SER D 85 28.87 -9.66 -39.02
CA SER D 85 28.87 -10.49 -40.22
C SER D 85 27.84 -9.93 -41.19
N LEU D 86 28.31 -9.45 -42.34
CA LEU D 86 27.45 -8.78 -43.32
C LEU D 86 27.58 -9.47 -44.66
N ARG D 87 26.71 -10.44 -44.93
CA ARG D 87 26.61 -11.00 -46.26
C ARG D 87 26.05 -9.97 -47.22
N SER D 88 26.11 -10.29 -48.52
CA SER D 88 25.70 -9.34 -49.54
C SER D 88 24.23 -8.96 -49.44
N GLU D 89 23.42 -9.77 -48.77
CA GLU D 89 22.01 -9.51 -48.61
C GLU D 89 21.71 -8.72 -47.34
N ASP D 90 22.66 -7.95 -46.84
CA ASP D 90 22.42 -7.02 -45.76
C ASP D 90 22.38 -5.57 -46.22
N THR D 91 22.46 -5.32 -47.52
CA THR D 91 22.27 -3.98 -48.06
C THR D 91 20.78 -3.64 -48.05
N ALA D 92 20.44 -2.57 -47.34
CA ALA D 92 19.05 -2.19 -47.11
C ALA D 92 19.06 -0.84 -46.41
N MET D 93 17.90 -0.38 -45.96
CA MET D 93 17.84 0.69 -44.99
C MET D 93 17.07 0.24 -43.75
N TYR D 94 17.34 0.93 -42.64
CA TYR D 94 16.94 0.51 -41.30
C TYR D 94 16.19 1.63 -40.62
N TYR D 95 14.99 1.34 -40.12
CA TYR D 95 14.16 2.32 -39.44
C TYR D 95 13.92 1.87 -38.01
N CYS D 96 14.21 2.73 -37.05
CA CYS D 96 14.06 2.43 -35.63
C CYS D 96 12.72 2.96 -35.15
N VAL D 97 11.90 2.08 -34.62
CA VAL D 97 10.53 2.39 -34.26
C VAL D 97 10.38 2.31 -32.76
N ARG D 98 9.61 3.25 -32.21
CA ARG D 98 9.22 3.23 -30.80
C ARG D 98 7.83 2.66 -30.67
N SER D 99 7.57 2.04 -29.52
CA SER D 99 6.23 1.53 -29.21
C SER D 99 6.12 1.36 -27.72
N ILE D 100 4.89 1.38 -27.20
CA ILE D 100 4.65 1.21 -25.78
C ILE D 100 3.45 0.30 -25.61
N TYR D 101 3.53 -0.60 -24.63
CA TYR D 101 2.54 -1.66 -24.48
C TYR D 101 1.85 -1.53 -23.13
N TYR D 102 0.59 -1.13 -23.16
CA TYR D 102 -0.30 -1.19 -22.02
C TYR D 102 -1.70 -1.12 -22.58
N TYR D 103 -2.69 -1.35 -21.72
CA TYR D 103 -4.05 -1.46 -22.22
C TYR D 103 -4.49 -0.17 -22.89
N GLY D 104 -4.70 -0.25 -24.21
CA GLY D 104 -5.12 0.89 -24.98
C GLY D 104 -4.02 1.58 -25.74
N SER D 105 -2.77 1.21 -25.51
CA SER D 105 -1.66 1.85 -26.19
C SER D 105 -1.72 1.61 -27.69
N SER D 106 -0.90 2.34 -28.42
CA SER D 106 -0.85 2.28 -29.89
C SER D 106 0.58 2.03 -30.32
N PRO D 107 1.03 0.78 -30.31
CA PRO D 107 2.42 0.50 -30.69
C PRO D 107 2.70 0.89 -32.14
N PHE D 108 4.00 1.03 -32.44
CA PHE D 108 4.46 1.43 -33.76
C PHE D 108 3.88 2.78 -34.17
N ASP D 109 3.92 3.73 -33.22
CA ASP D 109 3.25 5.03 -33.32
C ASP D 109 4.10 6.06 -34.05
N PHE D 110 5.37 6.19 -33.67
CA PHE D 110 6.30 7.11 -34.32
C PHE D 110 7.43 6.29 -34.90
N TRP D 111 8.05 6.77 -35.97
CA TRP D 111 8.84 5.88 -36.81
C TRP D 111 10.26 6.32 -37.07
N GLY D 112 10.55 7.61 -37.04
CA GLY D 112 11.91 8.00 -37.33
C GLY D 112 12.19 7.98 -38.82
N GLN D 113 13.47 7.94 -39.15
CA GLN D 113 13.88 8.17 -40.52
C GLN D 113 14.82 7.07 -41.02
N GLY D 114 15.51 6.41 -40.10
CA GLY D 114 16.41 5.31 -40.45
C GLY D 114 17.62 5.73 -41.28
N THR D 115 18.53 4.79 -41.53
CA THR D 115 19.72 5.07 -42.29
C THR D 115 19.93 3.96 -43.32
N THR D 116 20.74 4.26 -44.33
CA THR D 116 20.95 3.38 -45.46
C THR D 116 22.34 2.77 -45.38
N LEU D 117 22.41 1.44 -45.44
CA LEU D 117 23.67 0.72 -45.41
C LEU D 117 23.72 -0.19 -46.63
N THR D 118 24.80 -0.10 -47.39
CA THR D 118 25.00 -0.93 -48.57
C THR D 118 26.22 -1.82 -48.40
N VAL D 119 26.13 -3.01 -48.96
CA VAL D 119 27.15 -4.04 -48.84
C VAL D 119 27.67 -4.38 -50.23
N SER D 120 28.99 -4.51 -50.35
CA SER D 120 29.58 -4.88 -51.63
C SER D 120 29.02 -6.22 -52.11
N SER D 121 28.62 -6.25 -53.38
CA SER D 121 28.05 -7.47 -53.96
C SER D 121 29.14 -8.41 -54.44
N SER D 136 5.87 -22.73 -37.49
CA SER D 136 6.75 -21.95 -38.35
C SER D 136 6.28 -20.49 -38.41
N ASP D 137 6.79 -19.76 -39.40
CA ASP D 137 6.47 -18.35 -39.54
C ASP D 137 5.15 -18.17 -40.26
N ILE D 138 4.32 -17.27 -39.74
CA ILE D 138 3.13 -16.85 -40.48
C ILE D 138 3.59 -16.16 -41.75
N VAL D 139 2.81 -16.32 -42.82
CA VAL D 139 3.11 -15.68 -44.09
C VAL D 139 2.00 -14.70 -44.42
N MET D 140 2.40 -13.49 -44.83
CA MET D 140 1.47 -12.46 -45.29
C MET D 140 1.86 -12.10 -46.72
N THR D 141 0.89 -12.14 -47.63
CA THR D 141 1.15 -11.84 -49.03
C THR D 141 0.12 -10.86 -49.57
N GLN D 142 0.60 -9.86 -50.31
CA GLN D 142 -0.25 -8.90 -50.99
C GLN D 142 -0.16 -9.21 -52.48
N ALA D 143 -1.17 -9.93 -52.99
CA ALA D 143 -1.12 -10.43 -54.36
C ALA D 143 -1.01 -9.28 -55.36
N THR D 144 -1.82 -8.24 -55.19
CA THR D 144 -1.79 -7.12 -56.11
C THR D 144 -0.51 -6.31 -55.92
N SER D 145 -0.01 -5.76 -57.03
CA SER D 145 1.18 -4.94 -57.01
C SER D 145 0.95 -3.48 -57.38
N SER D 146 -0.15 -3.16 -58.06
CA SER D 146 -0.48 -1.78 -58.41
C SER D 146 -1.93 -1.67 -58.86
N VAL D 147 -2.68 -0.77 -58.24
CA VAL D 147 -4.08 -0.52 -58.58
C VAL D 147 -4.18 0.90 -59.12
N PRO D 148 -4.36 1.07 -60.43
CA PRO D 148 -4.54 2.42 -60.99
C PRO D 148 -5.86 3.02 -60.56
N VAL D 149 -5.85 4.33 -60.32
CA VAL D 149 -7.05 5.04 -59.86
C VAL D 149 -6.82 6.53 -60.06
N THR D 150 -7.91 7.26 -60.30
CA THR D 150 -8.00 8.70 -60.39
C THR D 150 -8.71 9.26 -59.15
N PRO D 151 -8.39 10.48 -58.71
CA PRO D 151 -8.97 10.98 -57.47
C PRO D 151 -10.50 11.08 -57.52
N GLY D 152 -11.13 10.75 -56.39
CA GLY D 152 -12.55 11.01 -56.23
C GLY D 152 -13.43 9.80 -55.99
N GLU D 153 -12.85 8.62 -55.83
CA GLU D 153 -13.67 7.42 -55.63
C GLU D 153 -12.97 6.47 -54.68
N SER D 154 -13.63 5.34 -54.42
CA SER D 154 -13.15 4.38 -53.45
C SER D 154 -11.96 3.58 -54.00
N VAL D 155 -11.09 3.15 -53.09
CA VAL D 155 -9.94 2.31 -53.40
C VAL D 155 -9.86 1.25 -52.30
N SER D 156 -9.44 0.03 -52.68
CA SER D 156 -9.35 -1.05 -51.72
C SER D 156 -8.10 -1.88 -51.97
N ILE D 157 -7.44 -2.28 -50.88
CA ILE D 157 -6.27 -3.15 -50.93
C ILE D 157 -6.53 -4.32 -49.99
N SER D 158 -6.07 -5.51 -50.35
CA SER D 158 -6.38 -6.74 -49.62
C SER D 158 -5.10 -7.46 -49.23
N CYS D 159 -5.08 -8.00 -48.01
CA CYS D 159 -3.96 -8.73 -47.47
C CYS D 159 -4.46 -10.02 -46.84
N ARG D 160 -3.59 -11.03 -46.80
CA ARG D 160 -3.94 -12.36 -46.32
C ARG D 160 -2.86 -12.90 -45.41
N SER D 161 -3.25 -13.84 -44.54
CA SER D 161 -2.33 -14.48 -43.60
C SER D 161 -2.43 -15.99 -43.73
N SER D 162 -1.40 -16.68 -43.25
CA SER D 162 -1.36 -18.14 -43.35
C SER D 162 -2.28 -18.83 -42.36
N LYS D 163 -2.76 -18.13 -41.35
CA LYS D 163 -3.65 -18.73 -40.36
C LYS D 163 -4.46 -17.60 -39.71
N SER D 164 -5.17 -17.94 -38.63
CA SER D 164 -5.99 -16.95 -37.95
C SER D 164 -5.14 -16.10 -37.03
N LEU D 165 -5.25 -14.77 -37.17
CA LEU D 165 -4.51 -13.84 -36.34
C LEU D 165 -5.31 -13.32 -35.15
N LEU D 166 -6.59 -13.66 -35.06
CA LEU D 166 -7.39 -13.31 -33.89
C LEU D 166 -6.89 -14.13 -32.71
N HIS D 167 -6.17 -13.49 -31.79
CA HIS D 167 -5.74 -14.17 -30.59
C HIS D 167 -6.93 -14.41 -29.67
N SER D 168 -6.76 -15.36 -28.76
CA SER D 168 -7.84 -15.74 -27.85
C SER D 168 -8.28 -14.58 -26.97
N ASN D 169 -7.38 -13.64 -26.65
CA ASN D 169 -7.76 -12.56 -25.74
C ASN D 169 -8.78 -11.61 -26.36
N GLY D 170 -8.88 -11.57 -27.69
CA GLY D 170 -9.82 -10.72 -28.39
C GLY D 170 -9.19 -9.82 -29.44
N ASN D 171 -7.88 -9.61 -29.37
CA ASN D 171 -7.21 -8.72 -30.30
C ASN D 171 -6.97 -9.41 -31.63
N THR D 172 -6.55 -8.60 -32.62
CA THR D 172 -6.20 -9.08 -33.95
C THR D 172 -5.00 -8.26 -34.39
N TYR D 173 -3.81 -8.78 -34.13
CA TYR D 173 -2.57 -8.02 -34.24
C TYR D 173 -2.17 -7.87 -35.70
N LEU D 174 -3.00 -7.14 -36.45
CA LEU D 174 -2.70 -6.78 -37.82
C LEU D 174 -2.57 -5.27 -37.92
N TYR D 175 -1.51 -4.80 -38.58
CA TYR D 175 -1.23 -3.40 -38.75
C TYR D 175 -1.18 -3.05 -40.23
N TRP D 176 -1.71 -1.88 -40.56
CA TRP D 176 -1.65 -1.28 -41.89
C TRP D 176 -0.88 0.02 -41.80
N PHE D 177 0.08 0.22 -42.69
CA PHE D 177 0.77 1.51 -42.70
C PHE D 177 1.38 1.81 -44.06
N LEU D 178 1.63 3.10 -44.26
CA LEU D 178 1.84 3.68 -45.58
C LEU D 178 3.22 4.29 -45.69
N GLN D 179 3.74 4.33 -46.91
CA GLN D 179 4.98 5.04 -47.23
C GLN D 179 4.74 5.87 -48.47
N ARG D 180 4.59 7.20 -48.29
CA ARG D 180 4.44 8.09 -49.41
C ARG D 180 5.76 8.16 -50.19
N PRO D 181 5.68 8.35 -51.51
CA PRO D 181 6.90 8.32 -52.32
C PRO D 181 7.92 9.36 -51.88
N GLY D 182 9.05 8.89 -51.37
CA GLY D 182 10.13 9.76 -50.98
C GLY D 182 10.20 10.12 -49.52
N GLN D 183 9.68 9.30 -48.61
CA GLN D 183 9.82 9.58 -47.19
C GLN D 183 9.59 8.30 -46.40
N SER D 184 9.62 8.44 -45.07
CA SER D 184 9.49 7.34 -44.13
C SER D 184 8.02 6.99 -43.91
N PRO D 185 7.74 5.80 -43.37
CA PRO D 185 6.34 5.43 -43.12
C PRO D 185 5.74 6.15 -41.94
N GLN D 186 4.49 5.80 -41.63
CA GLN D 186 3.78 6.32 -40.47
C GLN D 186 2.53 5.49 -40.29
N LEU D 187 2.18 5.22 -39.05
CA LEU D 187 1.09 4.29 -38.77
C LEU D 187 -0.23 4.81 -39.30
N LEU D 188 -1.04 3.91 -39.84
CA LEU D 188 -2.38 4.21 -40.34
C LEU D 188 -3.46 3.43 -39.61
N ILE D 189 -3.28 2.13 -39.42
CA ILE D 189 -4.23 1.31 -38.68
C ILE D 189 -3.45 0.36 -37.80
N TYR D 190 -3.79 0.33 -36.50
CA TYR D 190 -3.18 -0.61 -35.57
C TYR D 190 -4.27 -1.53 -35.04
N ARG D 191 -3.94 -2.81 -34.92
CA ARG D 191 -4.90 -3.85 -34.56
C ARG D 191 -6.09 -3.89 -35.52
N MET D 192 -5.80 -3.68 -36.81
CA MET D 192 -6.63 -3.95 -37.98
C MET D 192 -7.98 -3.23 -37.99
N SER D 193 -8.25 -2.44 -36.97
CA SER D 193 -9.51 -1.68 -36.93
C SER D 193 -9.35 -0.25 -36.46
N ASN D 194 -8.28 0.09 -35.77
CA ASN D 194 -8.16 1.35 -35.04
C ASN D 194 -7.28 2.32 -35.81
N LEU D 195 -7.63 3.60 -35.71
CA LEU D 195 -7.07 4.65 -36.54
C LEU D 195 -6.08 5.48 -35.73
N ALA D 196 -4.87 5.62 -36.26
CA ALA D 196 -3.80 6.31 -35.55
C ALA D 196 -4.08 7.81 -35.47
N SER D 197 -3.34 8.50 -34.61
CA SER D 197 -3.60 9.89 -34.30
C SER D 197 -2.91 10.78 -35.31
N GLY D 198 -3.68 11.64 -35.97
CA GLY D 198 -3.13 12.58 -36.93
C GLY D 198 -3.39 12.26 -38.38
N VAL D 199 -4.30 11.34 -38.68
CA VAL D 199 -4.61 11.00 -40.06
C VAL D 199 -6.11 11.15 -40.27
N PRO D 200 -6.57 11.56 -41.44
CA PRO D 200 -7.99 11.83 -41.64
C PRO D 200 -8.82 10.55 -41.57
N ASP D 201 -10.13 10.74 -41.47
CA ASP D 201 -11.07 9.63 -41.45
C ASP D 201 -11.39 9.11 -42.85
N ARG D 202 -10.58 9.48 -43.85
CA ARG D 202 -10.74 8.90 -45.18
C ARG D 202 -10.41 7.42 -45.18
N PHE D 203 -9.58 6.96 -44.25
CA PHE D 203 -9.10 5.60 -44.24
C PHE D 203 -9.94 4.71 -43.33
N SER D 204 -10.00 3.43 -43.67
CA SER D 204 -10.67 2.46 -42.81
C SER D 204 -10.07 1.09 -43.07
N GLY D 205 -10.32 0.17 -42.14
CA GLY D 205 -9.82 -1.18 -42.28
C GLY D 205 -10.77 -2.23 -41.72
N SER D 206 -11.12 -3.22 -42.53
CA SER D 206 -12.03 -4.28 -42.11
C SER D 206 -11.40 -5.63 -42.42
N GLY D 207 -12.01 -6.68 -41.94
CA GLY D 207 -11.51 -8.02 -42.22
C GLY D 207 -12.10 -9.02 -41.26
N SER D 208 -11.73 -10.28 -41.50
CA SER D 208 -12.12 -11.36 -40.61
C SER D 208 -11.24 -12.57 -40.87
N GLY D 209 -11.10 -13.39 -39.83
CA GLY D 209 -10.31 -14.60 -39.94
C GLY D 209 -8.90 -14.30 -40.37
N THR D 210 -8.59 -14.64 -41.62
CA THR D 210 -7.26 -14.43 -42.17
C THR D 210 -7.25 -13.52 -43.39
N ALA D 211 -8.39 -12.95 -43.78
CA ALA D 211 -8.47 -12.07 -44.92
C ALA D 211 -8.87 -10.67 -44.46
N PHE D 212 -8.10 -9.66 -44.87
CA PHE D 212 -8.38 -8.31 -44.44
C PHE D 212 -8.26 -7.36 -45.63
N THR D 213 -8.93 -6.20 -45.51
CA THR D 213 -8.90 -5.17 -46.53
C THR D 213 -8.75 -3.79 -45.91
N LEU D 214 -7.72 -3.06 -46.34
CA LEU D 214 -7.66 -1.62 -46.15
C LEU D 214 -8.50 -0.95 -47.23
N THR D 215 -9.10 0.19 -46.89
CA THR D 215 -9.99 0.87 -47.81
C THR D 215 -9.89 2.38 -47.62
N ILE D 216 -10.12 3.11 -48.72
CA ILE D 216 -10.11 4.56 -48.75
C ILE D 216 -11.35 5.02 -49.52
N SER D 217 -12.04 6.03 -48.98
CA SER D 217 -13.30 6.49 -49.57
C SER D 217 -13.08 7.60 -50.60
N ARG D 218 -12.48 8.70 -50.18
CA ARG D 218 -12.22 9.84 -51.05
C ARG D 218 -10.72 9.93 -51.28
N LEU D 219 -10.31 9.84 -52.54
CA LEU D 219 -8.89 9.91 -52.88
C LEU D 219 -8.44 11.36 -52.92
N GLU D 220 -7.18 11.58 -52.54
CA GLU D 220 -6.59 12.91 -52.56
C GLU D 220 -5.14 12.78 -53.01
N ALA D 221 -4.58 13.89 -53.49
CA ALA D 221 -3.24 13.87 -54.06
C ALA D 221 -2.18 13.45 -53.06
N GLU D 222 -2.48 13.53 -51.76
CA GLU D 222 -1.58 13.05 -50.73
C GLU D 222 -1.80 11.58 -50.38
N ASP D 223 -2.87 10.97 -50.90
CA ASP D 223 -3.23 9.62 -50.51
C ASP D 223 -2.44 8.56 -51.26
N VAL D 224 -1.78 8.93 -52.36
CA VAL D 224 -0.99 7.97 -53.12
C VAL D 224 0.23 7.55 -52.31
N GLY D 225 0.56 6.27 -52.38
CA GLY D 225 1.71 5.77 -51.66
C GLY D 225 1.86 4.28 -51.87
N VAL D 226 2.74 3.67 -51.07
CA VAL D 226 2.92 2.22 -51.05
C VAL D 226 2.45 1.71 -49.69
N TYR D 227 1.55 0.73 -49.70
CA TYR D 227 0.83 0.28 -48.52
C TYR D 227 1.38 -1.06 -48.05
N TYR D 228 1.40 -1.27 -46.73
CA TYR D 228 2.01 -2.47 -46.16
C TYR D 228 1.16 -3.01 -45.02
N CYS D 229 1.16 -4.33 -44.89
CA CYS D 229 0.48 -5.04 -43.81
C CYS D 229 1.51 -5.79 -42.99
N MET D 230 1.23 -5.90 -41.69
CA MET D 230 2.11 -6.61 -40.76
C MET D 230 1.24 -7.34 -39.75
N GLN D 231 1.77 -8.41 -39.19
CA GLN D 231 1.16 -9.06 -38.04
C GLN D 231 2.10 -8.98 -36.86
N HIS D 232 1.52 -9.02 -35.65
CA HIS D 232 2.31 -8.91 -34.44
C HIS D 232 1.89 -9.96 -33.42
N LEU D 233 1.39 -11.10 -33.90
CA LEU D 233 0.88 -12.12 -32.98
C LEU D 233 2.01 -12.84 -32.27
N GLU D 234 3.12 -13.08 -32.95
CA GLU D 234 4.22 -13.83 -32.37
C GLU D 234 5.49 -13.45 -33.11
N TYR D 235 6.53 -14.01 -32.72
CA TYR D 235 7.78 -13.64 -33.34
C TYR D 235 8.20 -14.72 -34.31
N PRO D 236 8.81 -14.39 -35.46
CA PRO D 236 9.15 -13.04 -35.93
C PRO D 236 7.97 -12.23 -36.46
N LEU D 237 8.17 -10.92 -36.56
CA LEU D 237 7.20 -10.02 -37.16
C LEU D 237 7.36 -10.09 -38.68
N THR D 238 6.28 -10.39 -39.39
CA THR D 238 6.34 -10.68 -40.81
C THR D 238 5.44 -9.74 -41.60
N PHE D 239 5.98 -9.18 -42.68
CA PHE D 239 5.31 -8.25 -43.57
C PHE D 239 4.74 -8.97 -44.78
N GLY D 240 4.27 -8.18 -45.74
CA GLY D 240 3.88 -8.67 -47.04
C GLY D 240 4.66 -7.97 -48.13
N ALA D 241 4.08 -7.87 -49.32
CA ALA D 241 4.69 -7.12 -50.41
C ALA D 241 4.13 -5.69 -50.43
N GLY D 242 4.77 -4.85 -51.24
CA GLY D 242 4.39 -3.46 -51.33
C GLY D 242 3.39 -3.17 -52.43
N THR D 243 2.20 -2.73 -52.06
CA THR D 243 1.12 -2.45 -52.99
C THR D 243 1.15 -0.97 -53.35
N LYS D 244 1.62 -0.67 -54.56
CA LYS D 244 1.72 0.70 -55.04
C LYS D 244 0.39 1.18 -55.59
N LEU D 245 0.15 2.49 -55.46
CA LEU D 245 -0.95 3.16 -56.13
C LEU D 245 -0.39 4.18 -57.11
N GLU D 246 -1.03 4.30 -58.26
CA GLU D 246 -0.63 5.26 -59.28
C GLU D 246 -1.84 6.09 -59.71
N LEU D 247 -1.59 7.35 -60.04
CA LEU D 247 -2.65 8.27 -60.42
C LEU D 247 -3.21 7.93 -61.79
N PHE E 44 35.24 -54.74 30.38
CA PHE E 44 34.29 -53.84 29.76
C PHE E 44 34.78 -53.30 28.43
N LEU E 45 36.06 -53.51 28.14
CA LEU E 45 36.63 -52.99 26.90
C LEU E 45 35.95 -53.62 25.70
N GLU E 46 35.89 -52.84 24.62
CA GLU E 46 35.22 -53.26 23.40
C GLU E 46 35.89 -52.57 22.23
N ILE E 47 35.70 -53.10 21.03
CA ILE E 47 36.46 -52.66 19.87
C ILE E 47 35.50 -52.19 18.79
N ASP E 48 35.38 -50.87 18.65
CA ASP E 48 34.85 -50.24 17.45
C ASP E 48 36.02 -50.09 16.48
N LYS E 49 35.88 -49.23 15.46
CA LYS E 49 37.04 -48.88 14.65
C LYS E 49 38.22 -48.43 15.49
N LYS E 50 37.96 -48.10 16.76
CA LYS E 50 38.91 -47.55 17.71
C LYS E 50 38.96 -48.47 18.93
N ASN E 51 39.63 -48.02 19.99
CA ASN E 51 39.68 -48.76 21.26
C ASN E 51 38.84 -48.01 22.28
N CYS E 52 37.67 -48.56 22.61
CA CYS E 52 36.69 -47.90 23.47
C CYS E 52 36.28 -48.84 24.60
N CYS E 53 35.76 -48.26 25.68
CA CYS E 53 35.43 -49.02 26.88
C CYS E 53 34.09 -48.60 27.49
N VAL E 54 33.02 -48.65 26.69
CA VAL E 54 31.68 -48.36 27.17
C VAL E 54 31.34 -49.20 28.40
N PHE E 55 30.38 -48.72 29.21
CA PHE E 55 30.08 -49.26 30.54
C PHE E 55 28.59 -49.49 30.72
N ARG E 56 27.93 -50.20 29.81
CA ARG E 56 26.50 -50.38 30.00
C ARG E 56 26.23 -51.03 31.35
N ASP E 57 25.65 -50.25 32.26
CA ASP E 57 25.52 -50.66 33.66
C ASP E 57 24.13 -50.29 34.16
N ASP E 58 23.94 -50.40 35.48
CA ASP E 58 22.64 -50.29 36.10
C ASP E 58 22.41 -48.86 36.61
N PHE E 59 21.20 -48.65 37.15
CA PHE E 59 20.71 -47.38 37.66
C PHE E 59 20.43 -46.40 36.53
N ILE E 60 20.83 -46.78 35.31
CA ILE E 60 20.28 -46.13 34.12
C ILE E 60 18.83 -46.54 33.93
N VAL E 61 18.49 -47.76 34.33
CA VAL E 61 17.21 -48.37 33.96
C VAL E 61 16.05 -47.87 34.80
N LYS E 62 16.31 -47.27 35.96
CA LYS E 62 15.25 -47.00 36.91
C LYS E 62 14.93 -45.52 37.13
N VAL E 63 15.71 -44.61 36.57
CA VAL E 63 15.49 -43.18 36.75
C VAL E 63 15.32 -42.44 35.42
N LEU E 64 16.18 -42.72 34.44
CA LEU E 64 16.18 -41.91 33.22
C LEU E 64 14.85 -41.93 32.48
N PRO E 65 14.17 -43.06 32.26
CA PRO E 65 12.92 -43.03 31.49
C PRO E 65 11.83 -42.23 32.17
N PRO E 66 11.60 -42.36 33.48
CA PRO E 66 10.61 -41.48 34.12
C PRO E 66 11.00 -40.01 34.09
N VAL E 67 12.31 -39.69 34.11
CA VAL E 67 12.73 -38.31 33.92
C VAL E 67 12.33 -37.82 32.53
N LEU E 68 12.63 -38.61 31.50
CA LEU E 68 12.46 -38.17 30.13
C LEU E 68 11.00 -38.14 29.70
N GLY E 69 10.15 -38.97 30.32
CA GLY E 69 8.74 -38.98 29.91
C GLY E 69 8.05 -37.65 30.17
N LEU E 70 8.29 -37.06 31.34
CA LEU E 70 7.71 -35.77 31.66
C LEU E 70 8.24 -34.68 30.75
N GLU E 71 9.57 -34.68 30.50
CA GLU E 71 10.13 -33.72 29.57
C GLU E 71 9.53 -33.88 28.18
N PHE E 72 9.28 -35.11 27.75
CA PHE E 72 8.65 -35.32 26.45
C PHE E 72 7.25 -34.73 26.42
N ILE E 73 6.42 -35.10 27.40
CA ILE E 73 5.03 -34.67 27.37
C ILE E 73 4.90 -33.16 27.59
N PHE E 74 5.92 -32.50 28.12
CA PHE E 74 5.87 -31.06 28.29
C PHE E 74 6.51 -30.28 27.16
N GLY E 75 7.67 -30.72 26.65
CA GLY E 75 8.27 -30.04 25.52
C GLY E 75 7.45 -30.17 24.27
N LEU E 76 6.95 -31.37 23.99
CA LEU E 76 6.04 -31.56 22.86
C LEU E 76 4.88 -30.58 22.95
N LEU E 77 4.25 -30.51 24.12
CA LEU E 77 3.09 -29.64 24.30
C LEU E 77 3.45 -28.17 24.11
N GLY E 78 4.49 -27.72 24.81
CA GLY E 78 4.83 -26.29 24.76
C GLY E 78 5.21 -25.83 23.36
N ASN E 79 6.09 -26.58 22.70
CA ASN E 79 6.50 -26.16 21.36
C ASN E 79 5.39 -26.37 20.34
N GLY E 80 4.53 -27.36 20.55
CA GLY E 80 3.39 -27.51 19.65
C GLY E 80 2.44 -26.34 19.73
N LEU E 81 2.13 -25.88 20.94
CA LEU E 81 1.29 -24.70 21.06
C LEU E 81 1.98 -23.45 20.52
N ALA E 82 3.30 -23.35 20.70
CA ALA E 82 4.01 -22.20 20.12
C ALA E 82 3.91 -22.20 18.60
N LEU E 83 4.07 -23.38 17.98
CA LEU E 83 3.94 -23.47 16.54
C LEU E 83 2.52 -23.18 16.08
N TRP E 84 1.53 -23.65 16.83
CA TRP E 84 0.13 -23.36 16.47
C TRP E 84 -0.13 -21.87 16.54
N ILE E 85 0.41 -21.20 17.56
CA ILE E 85 0.26 -19.75 17.65
C ILE E 85 0.89 -19.06 16.44
N PHE E 86 2.14 -19.42 16.13
CA PHE E 86 2.80 -18.73 15.03
C PHE E 86 2.32 -19.14 13.65
N CYS E 87 1.53 -20.19 13.50
CA CYS E 87 1.09 -20.57 12.16
C CYS E 87 -0.25 -19.99 11.75
N PHE E 88 -1.19 -19.82 12.69
CA PHE E 88 -2.54 -19.37 12.37
C PHE E 88 -2.96 -18.09 13.08
N HIS E 89 -2.33 -17.74 14.21
CA HIS E 89 -2.79 -16.64 15.03
C HIS E 89 -1.78 -15.50 15.15
N LEU E 90 -0.90 -15.33 14.18
CA LEU E 90 0.09 -14.26 14.20
C LEU E 90 0.10 -13.59 12.83
N LYS E 91 -0.70 -12.53 12.68
CA LYS E 91 -0.74 -11.76 11.45
C LYS E 91 0.38 -10.74 11.34
N SER E 92 1.09 -10.47 12.43
CA SER E 92 2.15 -9.46 12.40
C SER E 92 3.22 -9.84 11.38
N TRP E 93 3.92 -10.94 11.63
CA TRP E 93 4.95 -11.47 10.74
C TRP E 93 6.00 -10.40 10.40
N LYS E 94 6.61 -9.87 11.45
CA LYS E 94 7.77 -9.00 11.30
C LYS E 94 9.05 -9.79 11.58
N SER E 95 10.17 -9.14 11.31
CA SER E 95 11.45 -9.81 11.20
C SER E 95 11.91 -10.50 12.48
N SER E 96 11.34 -10.17 13.64
CA SER E 96 11.76 -10.78 14.88
C SER E 96 10.89 -11.95 15.31
N ARG E 97 9.65 -12.04 14.82
CA ARG E 97 8.80 -13.18 15.07
C ARG E 97 9.00 -14.30 14.07
N ILE E 98 9.89 -14.12 13.10
CA ILE E 98 10.29 -15.19 12.19
C ILE E 98 11.68 -15.71 12.50
N PHE E 99 12.43 -15.03 13.37
CA PHE E 99 13.61 -15.60 14.02
C PHE E 99 13.26 -16.37 15.28
N LEU E 100 11.99 -16.37 15.70
CA LEU E 100 11.52 -17.08 16.88
C LEU E 100 10.69 -18.30 16.55
N PHE E 101 9.98 -18.27 15.41
CA PHE E 101 9.27 -19.45 14.93
C PHE E 101 10.25 -20.57 14.62
N ASN E 102 11.40 -20.22 14.06
CA ASN E 102 12.40 -21.22 13.70
C ASN E 102 12.99 -21.90 14.92
N LEU E 103 13.21 -21.15 16.00
CA LEU E 103 13.62 -21.77 17.25
C LEU E 103 12.63 -22.82 17.69
N ALA E 104 11.34 -22.52 17.58
CA ALA E 104 10.30 -23.47 17.96
C ALA E 104 10.29 -24.70 17.07
N VAL E 105 10.49 -24.53 15.76
CA VAL E 105 10.52 -25.72 14.91
C VAL E 105 11.77 -26.54 15.17
N ALA E 106 12.89 -25.90 15.51
CA ALA E 106 14.12 -26.63 15.79
C ALA E 106 14.06 -27.41 17.09
N ASP E 107 13.40 -26.88 18.12
CA ASP E 107 13.34 -27.61 19.38
C ASP E 107 12.03 -28.34 19.59
N PHE E 108 11.13 -28.33 18.61
CA PHE E 108 10.06 -29.32 18.60
C PHE E 108 10.54 -30.65 18.02
N LEU E 109 11.55 -30.59 17.15
CA LEU E 109 12.06 -31.81 16.54
C LEU E 109 12.87 -32.64 17.52
N LEU E 110 13.67 -31.99 18.38
CA LEU E 110 14.38 -32.74 19.41
C LEU E 110 13.45 -32.97 20.60
N ILE E 111 12.22 -33.38 20.32
CA ILE E 111 11.31 -33.82 21.36
C ILE E 111 10.70 -35.14 20.92
N ILE E 112 10.15 -35.17 19.71
CA ILE E 112 9.65 -36.41 19.12
C ILE E 112 10.75 -37.44 18.96
N CYS E 113 12.00 -37.06 19.18
CA CYS E 113 13.14 -37.95 19.16
C CYS E 113 13.33 -38.69 20.49
N LEU E 114 12.48 -38.43 21.49
CA LEU E 114 12.63 -38.96 22.83
C LEU E 114 12.13 -40.39 23.05
N PRO E 115 10.91 -40.76 22.61
CA PRO E 115 10.35 -42.06 23.05
C PRO E 115 11.22 -43.25 22.72
N PHE E 116 11.86 -43.24 21.55
CA PHE E 116 12.76 -44.32 21.19
C PHE E 116 13.94 -44.38 22.16
N LEU E 117 14.37 -43.24 22.69
CA LEU E 117 15.43 -43.26 23.68
C LEU E 117 14.94 -43.82 25.01
N MET E 118 13.67 -43.57 25.37
CA MET E 118 13.12 -44.21 26.55
C MET E 118 13.08 -45.73 26.39
N ASP E 119 12.69 -46.21 25.21
CA ASP E 119 12.70 -47.65 25.01
C ASP E 119 14.11 -48.22 24.96
N ASN E 120 15.09 -47.42 24.48
CA ASN E 120 16.48 -47.85 24.50
C ASN E 120 16.99 -48.00 25.93
N TYR E 121 16.66 -47.05 26.80
CA TYR E 121 17.13 -47.12 28.18
C TYR E 121 16.38 -48.15 29.02
N VAL E 122 15.07 -48.30 28.83
CA VAL E 122 14.28 -49.19 29.67
C VAL E 122 14.82 -50.61 29.59
N ARG E 123 15.10 -51.10 28.39
CA ARG E 123 15.56 -52.46 28.19
C ARG E 123 17.09 -52.58 28.23
N ARG E 124 17.76 -51.61 28.86
CA ARG E 124 19.19 -51.70 29.17
C ARG E 124 20.06 -51.84 27.92
N TRP E 125 20.02 -50.81 27.09
CA TRP E 125 20.94 -50.70 25.95
C TRP E 125 20.79 -51.86 24.96
N ASP E 126 19.57 -52.05 24.45
CA ASP E 126 19.33 -52.93 23.32
C ASP E 126 18.61 -52.14 22.24
N TRP E 127 19.24 -52.01 21.06
CA TRP E 127 18.70 -51.21 19.98
C TRP E 127 18.02 -52.18 19.01
N LYS E 128 16.72 -52.37 19.23
CA LYS E 128 15.92 -53.36 18.51
C LYS E 128 15.14 -52.75 17.35
N PHE E 129 15.62 -51.65 16.78
CA PHE E 129 14.92 -50.97 15.69
C PHE E 129 15.75 -50.93 14.41
N GLY E 130 16.70 -51.83 14.25
CA GLY E 130 17.38 -51.94 12.99
C GLY E 130 18.33 -50.79 12.72
N ASP E 131 18.84 -50.78 11.48
CA ASP E 131 19.90 -49.87 11.10
C ASP E 131 19.37 -48.52 10.64
N ILE E 132 18.25 -48.52 9.92
CA ILE E 132 17.75 -47.28 9.32
C ILE E 132 17.47 -46.21 10.38
N PRO E 133 16.76 -46.51 11.48
CA PRO E 133 16.57 -45.47 12.51
C PRO E 133 17.84 -45.06 13.25
N CYS E 134 18.90 -45.86 13.23
CA CYS E 134 20.13 -45.48 13.92
C CYS E 134 20.92 -44.43 13.17
N ARG E 135 20.44 -44.01 12.01
CA ARG E 135 20.90 -42.80 11.34
C ARG E 135 19.95 -41.64 11.57
N LEU E 136 18.65 -41.89 11.40
CA LEU E 136 17.64 -40.85 11.58
C LEU E 136 17.70 -40.24 12.96
N MET E 137 17.68 -41.09 14.00
CA MET E 137 17.60 -40.58 15.37
C MET E 137 18.88 -39.89 15.82
N LEU E 138 20.03 -40.46 15.48
CA LEU E 138 21.31 -39.85 15.79
C LEU E 138 21.65 -38.67 14.91
N PHE E 139 20.85 -38.40 13.88
CA PHE E 139 20.94 -37.16 13.13
C PHE E 139 19.97 -36.11 13.68
N MET E 140 18.80 -36.56 14.13
CA MET E 140 17.80 -35.64 14.66
C MET E 140 18.18 -35.15 16.06
N LEU E 141 18.99 -35.90 16.79
CA LEU E 141 19.54 -35.36 18.04
C LEU E 141 20.63 -34.33 17.77
N ALA E 142 21.60 -34.67 16.93
CA ALA E 142 22.73 -33.78 16.72
C ALA E 142 22.39 -32.57 15.84
N MET E 143 21.22 -32.53 15.21
CA MET E 143 20.85 -31.37 14.41
C MET E 143 19.90 -30.43 15.14
N ASN E 144 18.89 -30.97 15.81
CA ASN E 144 17.90 -30.15 16.46
C ASN E 144 18.35 -29.59 17.80
N ARG E 145 19.59 -29.86 18.21
CA ARG E 145 20.18 -29.22 19.38
C ARG E 145 21.02 -28.00 19.00
N GLN E 146 21.89 -28.15 18.01
CA GLN E 146 22.63 -27.00 17.51
C GLN E 146 21.71 -25.94 16.94
N GLY E 147 20.57 -26.35 16.37
CA GLY E 147 19.60 -25.42 15.84
C GLY E 147 18.71 -24.77 16.87
N SER E 148 18.68 -25.31 18.08
CA SER E 148 18.12 -24.56 19.19
C SER E 148 19.06 -23.46 19.63
N ILE E 149 20.35 -23.79 19.73
CA ILE E 149 21.34 -22.82 20.17
C ILE E 149 21.45 -21.66 19.19
N ILE E 150 21.45 -21.97 17.90
CA ILE E 150 21.66 -20.91 16.90
C ILE E 150 20.48 -19.93 16.89
N PHE E 151 19.25 -20.43 16.89
CA PHE E 151 18.11 -19.52 16.94
C PHE E 151 17.90 -18.90 18.31
N LEU E 152 18.53 -19.45 19.34
CA LEU E 152 18.54 -18.80 20.65
C LEU E 152 19.53 -17.64 20.71
N THR E 153 20.53 -17.62 19.83
CA THR E 153 21.61 -16.64 19.87
C THR E 153 21.43 -15.54 18.84
N VAL E 154 20.35 -15.58 18.06
CA VAL E 154 20.03 -14.51 17.11
C VAL E 154 18.98 -13.61 17.75
N VAL E 155 18.17 -14.19 18.63
CA VAL E 155 17.09 -13.48 19.32
C VAL E 155 17.69 -12.62 20.41
N ALA E 156 19.02 -12.61 20.52
CA ALA E 156 19.74 -11.72 21.42
C ALA E 156 20.48 -10.60 20.70
N VAL E 157 21.21 -10.95 19.64
CA VAL E 157 21.85 -9.94 18.81
C VAL E 157 20.81 -9.04 18.16
N ASP E 158 19.58 -9.55 18.00
CA ASP E 158 18.48 -8.74 17.51
C ASP E 158 18.10 -7.63 18.46
N ARG E 159 18.12 -7.90 19.77
CA ARG E 159 17.79 -6.91 20.79
C ARG E 159 18.94 -5.95 21.08
N TYR E 160 20.18 -6.45 21.00
CA TYR E 160 21.31 -5.57 21.22
C TYR E 160 21.27 -4.38 20.27
N PHE E 161 20.68 -4.55 19.10
CA PHE E 161 20.55 -3.47 18.14
C PHE E 161 19.30 -2.65 18.37
N ARG E 162 18.22 -3.27 18.80
CA ARG E 162 17.01 -2.53 19.09
C ARG E 162 17.13 -1.64 20.31
N VAL E 163 18.20 -1.78 21.09
CA VAL E 163 18.39 -0.86 22.22
C VAL E 163 19.65 -0.01 22.07
N VAL E 164 20.81 -0.65 21.95
CA VAL E 164 22.05 0.10 22.00
C VAL E 164 22.24 0.93 20.74
N HIS E 165 21.87 0.39 19.59
CA HIS E 165 22.03 1.05 18.30
C HIS E 165 20.69 1.14 17.59
N PRO E 166 19.78 1.98 18.07
CA PRO E 166 18.50 2.15 17.41
C PRO E 166 18.62 3.25 16.35
N HIS E 167 17.70 3.23 15.40
CA HIS E 167 17.73 3.95 14.12
C HIS E 167 18.68 3.30 13.14
N HIS E 168 19.40 2.24 13.53
CA HIS E 168 20.24 1.50 12.60
C HIS E 168 19.38 0.85 11.53
N ALA E 169 19.94 0.73 10.32
CA ALA E 169 19.19 0.19 9.20
C ALA E 169 18.74 -1.23 9.45
N LEU E 170 19.56 -2.00 10.17
CA LEU E 170 19.26 -3.41 10.40
C LEU E 170 17.94 -3.60 11.12
N ASN E 171 17.47 -2.59 11.84
CA ASN E 171 16.21 -2.71 12.56
C ASN E 171 15.00 -2.68 11.64
N LYS E 172 15.17 -2.27 10.39
CA LYS E 172 14.08 -2.21 9.42
C LYS E 172 14.32 -3.14 8.24
N ILE E 173 14.90 -4.31 8.48
CA ILE E 173 15.00 -5.29 7.42
C ILE E 173 13.63 -5.90 7.15
N SER E 174 13.43 -6.33 5.90
CA SER E 174 12.17 -6.90 5.48
C SER E 174 12.02 -8.32 6.02
N ASN E 175 10.78 -8.81 6.03
CA ASN E 175 10.57 -10.22 6.35
C ASN E 175 10.58 -11.10 5.12
N ARG E 176 11.28 -10.65 4.08
CA ARG E 176 11.68 -11.48 2.95
C ARG E 176 13.17 -11.63 2.85
N THR E 177 13.93 -10.64 3.34
CA THR E 177 15.38 -10.73 3.48
C THR E 177 15.78 -11.30 4.82
N ALA E 178 14.81 -11.69 5.65
CA ALA E 178 15.08 -12.40 6.90
C ALA E 178 14.78 -13.87 6.80
N ALA E 179 13.75 -14.26 6.04
CA ALA E 179 13.57 -15.66 5.69
C ALA E 179 14.41 -15.99 4.46
N ILE E 180 15.66 -15.54 4.47
CA ILE E 180 16.68 -15.98 3.53
C ILE E 180 17.85 -16.42 4.38
N ILE E 181 17.99 -15.80 5.55
CA ILE E 181 19.01 -16.19 6.51
C ILE E 181 18.43 -17.01 7.64
N SER E 182 17.11 -17.13 7.71
CA SER E 182 16.46 -18.15 8.52
C SER E 182 16.34 -19.46 7.77
N CYS E 183 16.81 -19.50 6.53
CA CYS E 183 17.00 -20.73 5.77
C CYS E 183 18.45 -20.95 5.37
N LEU E 184 19.26 -19.90 5.29
CA LEU E 184 20.70 -20.03 5.09
C LEU E 184 21.42 -20.39 6.38
N LEU E 185 20.72 -20.43 7.50
CA LEU E 185 21.30 -20.85 8.78
C LEU E 185 21.01 -22.31 9.12
N TRP E 186 19.89 -22.86 8.63
CA TRP E 186 19.71 -24.30 8.66
C TRP E 186 20.77 -25.00 7.84
N GLY E 187 21.32 -24.31 6.83
CA GLY E 187 22.30 -24.91 5.96
C GLY E 187 23.55 -25.35 6.68
N ILE E 188 24.05 -24.51 7.60
CA ILE E 188 25.28 -24.88 8.31
C ILE E 188 25.03 -26.06 9.24
N THR E 189 23.89 -26.06 9.95
CA THR E 189 23.57 -27.17 10.82
C THR E 189 23.52 -28.48 10.05
N ILE E 190 22.76 -28.49 8.94
CA ILE E 190 22.67 -29.71 8.16
C ILE E 190 24.02 -30.10 7.59
N GLY E 191 24.74 -29.14 7.00
CA GLY E 191 26.02 -29.41 6.39
C GLY E 191 27.12 -29.78 7.34
N LEU E 192 26.89 -29.64 8.64
CA LEU E 192 27.81 -30.19 9.63
C LEU E 192 27.33 -31.49 10.24
N THR E 193 26.03 -31.78 10.22
CA THR E 193 25.52 -33.02 10.79
C THR E 193 25.25 -34.10 9.73
N VAL E 194 25.72 -33.93 8.49
CA VAL E 194 25.54 -34.99 7.50
C VAL E 194 26.54 -36.12 7.70
N HIS E 195 27.81 -35.80 7.99
CA HIS E 195 28.81 -36.88 7.90
C HIS E 195 28.65 -37.91 9.00
N LEU E 196 27.57 -37.86 9.76
CA LEU E 196 27.19 -38.94 10.65
C LEU E 196 25.98 -39.73 10.13
N LEU E 197 25.72 -39.67 8.82
CA LEU E 197 24.71 -40.52 8.20
C LEU E 197 25.34 -41.65 7.40
N LYS E 198 26.58 -41.47 6.95
CA LYS E 198 27.27 -42.44 6.11
C LYS E 198 28.14 -43.39 6.92
N LYS E 199 27.54 -44.10 7.87
CA LYS E 199 28.25 -45.12 8.65
C LYS E 199 27.32 -46.30 8.92
N LYS E 200 27.92 -47.48 9.02
CA LYS E 200 27.23 -48.65 9.55
C LYS E 200 27.14 -48.45 11.05
N MET E 201 26.07 -47.78 11.49
CA MET E 201 26.09 -47.23 12.84
C MET E 201 25.78 -48.26 13.92
N PRO E 202 24.80 -49.16 13.78
CA PRO E 202 24.51 -50.08 14.89
C PRO E 202 25.68 -51.03 15.11
N ILE E 203 26.39 -50.80 16.21
CA ILE E 203 27.56 -51.58 16.57
C ILE E 203 27.09 -52.75 17.40
N GLN E 204 27.35 -53.97 16.91
CA GLN E 204 26.93 -55.19 17.60
C GLN E 204 28.16 -56.01 17.96
N ASN E 205 28.23 -56.41 19.22
CA ASN E 205 29.30 -57.23 19.77
C ASN E 205 28.69 -58.07 20.88
N GLY E 206 29.52 -58.56 21.80
CA GLY E 206 28.99 -59.16 23.01
C GLY E 206 27.93 -58.29 23.67
N GLY E 207 28.12 -56.97 23.62
CA GLY E 207 27.06 -56.05 23.98
C GLY E 207 26.06 -55.90 22.85
N ALA E 208 24.78 -55.88 23.21
CA ALA E 208 23.70 -55.98 22.24
C ALA E 208 23.33 -54.60 21.72
N ASN E 209 23.92 -54.22 20.58
CA ASN E 209 23.40 -53.16 19.74
C ASN E 209 23.30 -51.82 20.47
N LEU E 210 24.46 -51.25 20.77
CA LEU E 210 24.50 -49.86 21.19
C LEU E 210 24.40 -48.95 19.97
N CYS E 211 23.49 -47.98 20.03
CA CYS E 211 23.36 -46.96 18.98
C CYS E 211 23.80 -45.64 19.61
N SER E 212 25.09 -45.33 19.50
CA SER E 212 25.69 -44.24 20.25
C SER E 212 27.04 -43.88 19.67
N SER E 213 27.36 -42.58 19.63
CA SER E 213 28.67 -42.10 19.21
C SER E 213 29.38 -41.30 20.29
N PHE E 214 28.75 -41.10 21.44
CA PHE E 214 29.45 -40.64 22.64
C PHE E 214 29.98 -41.87 23.35
N SER E 215 31.30 -42.05 23.33
CA SER E 215 31.90 -43.20 23.96
C SER E 215 33.35 -42.89 24.26
N ILE E 216 33.84 -43.44 25.37
CA ILE E 216 35.21 -43.20 25.80
C ILE E 216 36.17 -43.72 24.75
N CYS E 217 37.18 -42.94 24.39
CA CYS E 217 38.16 -43.48 23.44
C CYS E 217 39.47 -42.67 23.57
N HIS E 218 40.36 -42.69 22.58
CA HIS E 218 41.66 -42.05 22.70
C HIS E 218 42.01 -41.33 21.40
N THR E 219 41.09 -41.34 20.44
CA THR E 219 41.30 -40.71 19.15
C THR E 219 40.48 -39.43 19.11
N PHE E 220 41.07 -38.35 18.58
CA PHE E 220 40.40 -37.05 18.55
C PHE E 220 39.24 -37.07 17.56
N GLN E 221 38.02 -37.15 18.08
CA GLN E 221 36.81 -36.99 17.28
C GLN E 221 36.41 -35.52 17.32
N TRP E 222 36.52 -34.85 16.18
CA TRP E 222 36.32 -33.41 16.14
C TRP E 222 34.85 -33.07 16.35
N HIS E 223 34.01 -34.07 16.59
CA HIS E 223 32.63 -33.84 16.99
C HIS E 223 32.47 -33.82 18.51
N GLU E 224 33.56 -33.69 19.25
CA GLU E 224 33.58 -33.27 20.64
C GLU E 224 33.94 -31.79 20.75
N ALA E 225 34.83 -31.32 19.88
CA ALA E 225 35.09 -29.90 19.77
C ALA E 225 33.83 -29.13 19.37
N MET E 226 32.92 -29.77 18.64
CA MET E 226 31.65 -29.18 18.28
C MET E 226 30.62 -29.30 19.39
N PHE E 227 31.02 -29.81 20.55
CA PHE E 227 30.29 -29.71 21.81
C PHE E 227 30.85 -28.52 22.60
N LEU E 228 32.19 -28.50 22.72
CA LEU E 228 32.85 -27.43 23.45
C LEU E 228 32.54 -26.06 22.85
N LEU E 229 32.73 -25.91 21.53
CA LEU E 229 32.48 -24.63 20.89
C LEU E 229 31.02 -24.23 20.97
N GLU E 230 30.11 -25.18 20.72
CA GLU E 230 28.70 -24.85 20.70
C GLU E 230 28.19 -24.46 22.07
N PHE E 231 28.93 -24.76 23.14
CA PHE E 231 28.49 -24.11 24.37
C PHE E 231 29.28 -22.83 24.68
N PHE E 232 30.55 -22.74 24.29
CA PHE E 232 31.36 -21.63 24.79
C PHE E 232 31.13 -20.34 24.01
N LEU E 233 30.79 -20.42 22.73
CA LEU E 233 30.62 -19.20 21.95
C LEU E 233 29.28 -18.51 22.24
N PRO E 234 28.13 -19.19 22.14
CA PRO E 234 26.87 -18.52 22.43
C PRO E 234 26.79 -17.91 23.82
N LEU E 235 27.43 -18.52 24.82
CA LEU E 235 27.40 -17.93 26.15
C LEU E 235 28.09 -16.58 26.18
N GLY E 236 29.26 -16.48 25.54
CA GLY E 236 29.95 -15.21 25.48
C GLY E 236 29.12 -14.14 24.79
N ILE E 237 28.51 -14.49 23.66
CA ILE E 237 27.69 -13.52 22.93
C ILE E 237 26.49 -13.07 23.78
N ILE E 238 25.79 -14.03 24.37
CA ILE E 238 24.58 -13.71 25.13
C ILE E 238 24.92 -12.80 26.31
N LEU E 239 26.00 -13.12 27.02
CA LEU E 239 26.40 -12.31 28.18
C LEU E 239 26.75 -10.88 27.76
N PHE E 240 27.54 -10.74 26.68
CA PHE E 240 27.91 -9.40 26.22
C PHE E 240 26.69 -8.58 25.87
N CYS E 241 25.77 -9.17 25.08
CA CYS E 241 24.59 -8.44 24.64
C CYS E 241 23.72 -8.02 25.82
N SER E 242 23.44 -8.95 26.74
CA SER E 242 22.57 -8.60 27.86
C SER E 242 23.22 -7.56 28.76
N ALA E 243 24.53 -7.65 28.95
CA ALA E 243 25.23 -6.69 29.79
C ALA E 243 25.09 -5.28 29.24
N ARG E 244 25.39 -5.10 27.95
CA ARG E 244 25.30 -3.75 27.40
C ARG E 244 23.86 -3.28 27.31
N ILE E 245 22.90 -4.18 27.04
CA ILE E 245 21.50 -3.77 27.05
C ILE E 245 21.15 -3.16 28.40
N ILE E 246 21.49 -3.84 29.48
CA ILE E 246 21.11 -3.33 30.80
C ILE E 246 21.89 -2.06 31.15
N TRP E 247 23.17 -1.97 30.78
CA TRP E 247 23.93 -0.77 31.14
C TRP E 247 23.64 0.44 30.29
N SER E 248 23.07 0.28 29.10
CA SER E 248 22.63 1.42 28.31
C SER E 248 21.23 1.88 28.67
N LEU E 249 20.38 0.98 29.15
CA LEU E 249 19.00 1.28 29.50
C LEU E 249 18.87 1.98 30.84
N ARG E 250 19.97 2.38 31.46
CA ARG E 250 19.93 3.20 32.66
C ARG E 250 20.85 4.40 32.62
N GLN E 251 21.93 4.35 31.86
CA GLN E 251 22.73 5.54 31.57
C GLN E 251 21.93 6.59 30.83
N ARG E 252 20.88 6.20 30.11
CA ARG E 252 19.93 7.13 29.53
C ARG E 252 18.72 7.34 30.43
N GLN E 253 18.73 6.77 31.63
CA GLN E 253 17.75 7.03 32.67
C GLN E 253 16.35 6.58 32.31
N MET E 254 16.16 5.73 31.29
CA MET E 254 14.85 5.13 31.14
C MET E 254 14.47 4.24 32.33
N ASP E 255 15.39 4.08 33.28
CA ASP E 255 15.24 3.12 34.38
C ASP E 255 14.38 3.70 35.49
N ARG E 256 13.21 4.21 35.10
CA ARG E 256 12.20 4.70 36.03
C ARG E 256 10.79 4.21 35.74
N HIS E 257 10.54 3.65 34.56
CA HIS E 257 9.20 3.23 34.19
C HIS E 257 8.93 1.85 34.78
N ALA E 258 7.67 1.59 35.14
CA ALA E 258 7.31 0.36 35.82
C ALA E 258 7.55 -0.87 34.95
N LYS E 259 7.18 -0.81 33.68
CA LYS E 259 7.27 -1.96 32.77
C LYS E 259 8.54 -1.97 31.95
N ILE E 260 9.55 -1.18 32.32
CA ILE E 260 10.87 -1.30 31.73
C ILE E 260 11.84 -2.03 32.65
N LYS E 261 11.37 -2.48 33.82
CA LYS E 261 12.13 -3.38 34.68
C LYS E 261 11.82 -4.84 34.42
N ARG E 262 10.55 -5.17 34.15
CA ARG E 262 10.21 -6.54 33.84
C ARG E 262 11.02 -7.04 32.65
N ALA E 263 11.33 -6.15 31.72
CA ALA E 263 12.19 -6.50 30.60
C ALA E 263 13.61 -6.81 31.06
N ILE E 264 14.16 -6.05 32.00
CA ILE E 264 15.53 -6.31 32.44
C ILE E 264 15.61 -7.64 33.19
N THR E 265 14.60 -7.92 34.02
CA THR E 265 14.56 -9.21 34.68
C THR E 265 14.42 -10.34 33.68
N PHE E 266 13.61 -10.14 32.63
CA PHE E 266 13.46 -11.17 31.62
C PHE E 266 14.67 -11.29 30.70
N ILE E 267 15.54 -10.28 30.66
CA ILE E 267 16.80 -10.41 29.97
C ILE E 267 17.83 -11.16 30.82
N MET E 268 17.74 -11.07 32.14
CA MET E 268 18.62 -11.91 32.95
C MET E 268 18.08 -13.34 33.12
N VAL E 269 16.76 -13.53 33.06
CA VAL E 269 16.18 -14.85 33.22
C VAL E 269 16.67 -15.80 32.13
N VAL E 270 16.64 -15.34 30.87
CA VAL E 270 17.03 -16.21 29.76
C VAL E 270 18.49 -16.59 29.85
N ALA E 271 19.34 -15.66 30.31
CA ALA E 271 20.76 -15.98 30.37
C ALA E 271 21.13 -16.77 31.61
N ILE E 272 20.27 -16.78 32.63
CA ILE E 272 20.48 -17.69 33.75
C ILE E 272 20.13 -19.12 33.36
N VAL E 273 19.05 -19.30 32.61
CA VAL E 273 18.76 -20.63 32.10
C VAL E 273 19.42 -20.77 30.74
N PHE E 274 20.75 -20.77 30.73
CA PHE E 274 21.59 -21.28 29.66
C PHE E 274 22.86 -21.90 30.19
N VAL E 275 23.22 -21.60 31.43
CA VAL E 275 24.33 -22.25 32.11
C VAL E 275 23.83 -23.46 32.89
N ILE E 276 22.64 -23.35 33.48
CA ILE E 276 22.05 -24.45 34.22
C ILE E 276 21.82 -25.65 33.32
N CYS E 277 21.30 -25.43 32.12
CA CYS E 277 20.87 -26.52 31.27
C CYS E 277 22.04 -27.19 30.54
N PHE E 278 23.20 -26.53 30.47
CA PHE E 278 24.26 -27.02 29.59
C PHE E 278 25.61 -27.19 30.27
N LEU E 279 25.98 -26.31 31.19
CA LEU E 279 27.33 -26.38 31.77
C LEU E 279 27.64 -27.70 32.47
N PRO E 280 26.73 -28.34 33.21
CA PRO E 280 27.09 -29.62 33.83
C PRO E 280 27.62 -30.65 32.85
N SER E 281 26.87 -30.95 31.79
CA SER E 281 27.32 -31.94 30.83
C SER E 281 28.60 -31.54 30.12
N VAL E 282 28.93 -30.25 30.09
CA VAL E 282 30.18 -29.82 29.49
C VAL E 282 31.35 -30.13 30.40
N VAL E 283 31.27 -29.70 31.67
CA VAL E 283 32.42 -29.85 32.56
C VAL E 283 32.73 -31.33 32.81
N VAL E 284 31.71 -32.18 32.87
CA VAL E 284 31.96 -33.62 33.01
C VAL E 284 32.78 -34.13 31.84
N ARG E 285 32.51 -33.64 30.64
CA ARG E 285 33.26 -34.09 29.47
C ARG E 285 34.70 -33.55 29.48
N ILE E 286 34.90 -32.33 29.97
CA ILE E 286 36.29 -31.90 30.22
C ILE E 286 36.96 -32.86 31.21
N ARG E 287 36.24 -33.31 32.23
CA ARG E 287 36.82 -34.29 33.15
C ARG E 287 37.13 -35.59 32.43
N ILE E 288 36.27 -35.99 31.50
CA ILE E 288 36.50 -37.21 30.73
C ILE E 288 37.82 -37.13 29.98
N PHE E 289 38.01 -36.04 29.23
CA PHE E 289 39.28 -35.86 28.53
C PHE E 289 40.44 -35.69 29.49
N TRP E 290 40.20 -35.12 30.67
CA TRP E 290 41.26 -34.97 31.65
C TRP E 290 41.77 -36.32 32.11
N LEU E 291 40.85 -37.21 32.48
CA LEU E 291 41.23 -38.57 32.86
C LEU E 291 41.88 -39.29 31.69
N LEU E 292 41.34 -39.12 30.49
CA LEU E 292 41.87 -39.82 29.32
C LEU E 292 43.27 -39.38 28.97
N HIS E 293 43.67 -38.16 29.34
CA HIS E 293 45.05 -37.75 29.16
C HIS E 293 45.95 -38.09 30.33
N THR E 294 45.45 -38.03 31.57
CA THR E 294 46.28 -38.38 32.71
C THR E 294 46.70 -39.84 32.66
N SER E 295 45.78 -40.73 32.28
CA SER E 295 46.08 -42.13 32.11
C SER E 295 45.42 -42.62 30.82
N GLY E 296 45.98 -43.68 30.25
CA GLY E 296 45.50 -44.22 28.99
C GLY E 296 44.24 -45.06 29.16
N THR E 297 43.83 -45.68 28.06
CA THR E 297 42.66 -46.56 28.05
C THR E 297 43.13 -47.99 28.34
N GLN E 298 43.72 -48.14 29.53
CA GLN E 298 44.32 -49.41 29.94
C GLN E 298 43.41 -50.19 30.87
N ASN E 299 43.02 -49.62 32.00
CA ASN E 299 42.12 -50.26 32.97
C ASN E 299 40.96 -49.31 33.19
N CYS E 300 39.93 -49.46 32.35
CA CYS E 300 38.84 -48.48 32.31
C CYS E 300 37.97 -48.49 33.55
N GLU E 301 38.27 -49.31 34.56
CA GLU E 301 37.62 -49.23 35.86
C GLU E 301 37.47 -47.77 36.29
N VAL E 302 38.53 -46.99 36.05
CA VAL E 302 38.58 -45.57 36.43
C VAL E 302 37.31 -44.84 36.04
N TYR E 303 36.80 -45.09 34.84
CA TYR E 303 35.73 -44.27 34.32
C TYR E 303 34.35 -44.68 34.81
N ARG E 304 34.23 -45.76 35.58
CA ARG E 304 32.91 -46.33 35.85
C ARG E 304 31.93 -45.29 36.37
N SER E 305 32.38 -44.45 37.30
CA SER E 305 31.48 -43.45 37.88
C SER E 305 31.19 -42.32 36.90
N VAL E 306 32.22 -41.81 36.21
CA VAL E 306 32.06 -40.54 35.49
C VAL E 306 31.12 -40.71 34.30
N ASP E 307 31.15 -41.88 33.65
CA ASP E 307 30.23 -42.12 32.56
C ASP E 307 28.79 -42.25 33.03
N LEU E 308 28.59 -42.60 34.30
CA LEU E 308 27.25 -42.51 34.87
C LEU E 308 26.78 -41.07 34.93
N ALA E 309 27.72 -40.14 35.15
CA ALA E 309 27.36 -38.73 35.27
C ALA E 309 26.90 -38.14 33.95
N PHE E 310 27.61 -38.47 32.86
CA PHE E 310 27.31 -37.86 31.56
C PHE E 310 25.85 -38.07 31.17
N PHE E 311 25.38 -39.31 31.19
CA PHE E 311 24.01 -39.61 30.80
C PHE E 311 23.00 -39.13 31.83
N ILE E 312 23.46 -38.50 32.90
CA ILE E 312 22.62 -37.66 33.73
C ILE E 312 22.72 -36.20 33.32
N THR E 313 23.94 -35.68 33.23
CA THR E 313 24.12 -34.27 32.91
C THR E 313 23.66 -33.93 31.51
N LEU E 314 23.50 -34.94 30.65
CA LEU E 314 22.96 -34.71 29.33
C LEU E 314 21.47 -34.45 29.36
N SER E 315 20.76 -35.00 30.35
CA SER E 315 19.32 -34.79 30.48
C SER E 315 18.95 -33.38 30.86
N PHE E 316 19.90 -32.57 31.33
CA PHE E 316 19.64 -31.15 31.54
C PHE E 316 19.55 -30.41 30.21
N THR E 317 20.14 -30.98 29.16
CA THR E 317 20.08 -30.34 27.85
C THR E 317 18.73 -30.55 27.18
N TYR E 318 18.10 -31.69 27.42
CA TYR E 318 16.72 -31.86 26.96
C TYR E 318 15.75 -30.99 27.74
N MET E 319 16.19 -30.47 28.89
CA MET E 319 15.34 -29.61 29.71
C MET E 319 15.04 -28.30 28.99
N ASN E 320 16.04 -27.75 28.31
CA ASN E 320 15.98 -26.42 27.71
C ASN E 320 14.87 -26.33 26.66
N SER E 321 14.52 -27.45 26.05
CA SER E 321 13.55 -27.46 24.97
C SER E 321 12.11 -27.49 25.46
N MET E 322 11.89 -27.58 26.78
CA MET E 322 10.54 -27.61 27.31
C MET E 322 10.21 -26.42 28.22
N LEU E 323 11.17 -25.53 28.49
CA LEU E 323 10.86 -24.30 29.19
C LEU E 323 11.18 -23.05 28.37
N ASP E 324 11.55 -23.22 27.10
CA ASP E 324 11.69 -22.10 26.17
C ASP E 324 10.35 -21.59 25.66
N PRO E 325 9.35 -22.44 25.41
CA PRO E 325 8.02 -21.90 25.05
C PRO E 325 7.37 -21.07 26.14
N VAL E 326 8.04 -20.88 27.28
CA VAL E 326 7.56 -19.99 28.32
C VAL E 326 8.46 -18.77 28.49
N VAL E 327 9.76 -19.00 28.69
CA VAL E 327 10.71 -17.93 28.90
C VAL E 327 10.84 -17.01 27.69
N TYR E 328 10.33 -17.44 26.54
CA TYR E 328 10.45 -16.69 25.29
C TYR E 328 9.13 -16.40 24.60
N TYR E 329 8.04 -17.07 24.98
CA TYR E 329 6.84 -17.10 24.15
C TYR E 329 5.61 -16.52 24.85
N PHE E 330 5.27 -17.02 26.04
CA PHE E 330 4.17 -16.45 26.79
C PHE E 330 4.63 -15.43 27.83
N SER E 331 5.79 -15.67 28.44
CA SER E 331 6.31 -14.77 29.47
C SER E 331 7.16 -13.67 28.82
N SER E 332 6.51 -12.96 27.91
CA SER E 332 7.09 -11.79 27.26
C SER E 332 5.99 -10.97 26.60
C10 FI7 F . 28.84 -31.96 15.47
C13 FI7 F . 26.58 -31.94 16.20
C17 FI7 F . 25.28 -38.98 20.33
C20 FI7 F . 23.60 -39.44 22.09
C21 FI7 F . 22.50 -38.94 22.74
C22 FI7 F . 22.21 -37.51 22.68
C26 FI7 F . 22.19 -41.15 23.85
C28 FI7 F . 24.18 -40.77 22.45
C01 FI7 F . 24.72 -36.64 19.52
C02 FI7 F . 25.57 -37.88 19.29
C03 FI7 F . 25.33 -38.41 17.88
C04 FI7 F . 27.02 -37.54 19.46
C05 FI7 F . 27.52 -36.68 18.47
C07 FI7 F . 27.94 -35.14 17.17
C08 FI7 F . 27.84 -33.83 16.52
C09 FI7 F . 28.95 -33.25 15.93
C11 FI7 F . 27.63 -31.30 15.60
C25 FI7 F . 21.56 -39.83 23.50
C27 FI7 F . 23.04 -41.69 22.74
N06 FI7 F . 26.96 -35.63 17.97
N14 FI7 F . 26.66 -33.19 16.65
N15 FI7 F . 29.04 -35.84 17.16
N19 FI7 F . 24.18 -38.78 21.12
O12 FI7 F . 27.46 -30.00 15.19
O16 FI7 F . 28.76 -36.89 18.06
O18 FI7 F . 26.02 -39.94 20.45
O23 FI7 F . 21.19 -37.06 23.13
O24 FI7 F . 23.08 -36.78 22.09
#